data_8DX8
#
_entry.id   8DX8
#
_cell.length_a   161.672
_cell.length_b   73.124
_cell.length_c   109.347
_cell.angle_alpha   90.000
_cell.angle_beta   99.905
_cell.angle_gamma   90.000
#
_symmetry.space_group_name_H-M   'C 1 2 1'
#
loop_
_entity.id
_entity.type
_entity.pdbx_description
1 polymer 'Reverse transcriptase/ribonuclease H'
2 polymer 'p51 RT'
3 non-polymer 2-(2-chloro-6-fluorophenyl)ethan-1-amine
4 non-polymer 4-{[4-({4-[(E)-2-cyanoethenyl]-2,6-dimethylphenyl}amino)pyrimidin-2-yl]amino}benzonitrile
5 non-polymer 'DIMETHYL SULFOXIDE'
6 non-polymer 1,2-ETHANEDIOL
7 non-polymer 'MAGNESIUM ION'
8 non-polymer 'SULFATE ION'
9 water water
#
loop_
_entity_poly.entity_id
_entity_poly.type
_entity_poly.pdbx_seq_one_letter_code
_entity_poly.pdbx_strand_id
1 'polypeptide(L)'
;MVPISPIETVPVKLKPGMDGPKVKQWPLTEEKIKALVEICTEMEKEGKISKIGPENPYNTPVFAIKKKDSTKWRKLVDFR
ELNKRTQDFWEVQLGIPHPAGLKKKKSVTVLDVGDAYFSVPLDEDFRKYTAFTIPSINNETPGIRYQYNVLPQGWKGSPA
IFQSSMTKILEPFAAQNPDIVIYQYMDDLYVGSDLEIGQHRTKIEELRQHLLRWGLTTPDKKHQKEPPFLWMGYELHPDK
WTVQPIVLPEKDSWTVNDIQKLVGKLNWASQIYPGIKVRQLSKLLRGTKALTEVIPLTEEAELELAENREILKEPVHGVY
YDPSKDLIAEIQKQGQGQWTYQIYQEPFKNLKTGKYARMRGAHTNDVKQLTEAVQKITTESIVIWGKTPKFKLPIQKETW
ETWWTEYWQATWIPEWEFVNTPPLVKLWYQLEKEPIVGAETFYVDGAANRETKLGKAGYVTNKGRQKVVPLTNTTNQKTE
LQAIYLALQDSGLEVNIVTDSQYALGIIQAQPDKSESELVNQIIEQLIKKEKVYLAWVPAHKGIGGNEQVDKLVSAG
;
A
2 'polypeptide(L)'
;PISPIETVPVKLKPGMDGPKVKQWPLTEEKIKALVEICTEMEKEGKISKIGPENPYNTPVFAIKKKDSTKWRKLVDFREL
NKRTQDFWEVQLGIPHPAGLKKKKSVTVLDVGDAYFSVPLDEDFRKYTAFTIPSINNETPGIRYQYNVLPQGWKGSPAIF
QSSMTKILEPFKKQNPDIVIYQYMDDLYVGSDLEIGQHRTKIEELRQHLLRWGLTTPDKKHQKEPPFLWMGYELHPDKWT
VQPIVLPEKDSWTVNDIQKLVGKLNWASQIYPGIKVRQLSKLLRGTKALTEVIPLTEEAELELAENREILKEPVHGVYYD
PSKDLIAEIQKQGQGQWTYQIYQEPFKNLKTGKYARMRGAHTNDVKQLTEAVQKITTESIVIWGKTPKFKLPIQKETWET
WWTEYWQATWIPEWEFVNTPPLVKLWYQ
;
B
#
loop_
_chem_comp.id
_chem_comp.type
_chem_comp.name
_chem_comp.formula
DMS non-polymer 'DIMETHYL SULFOXIDE' 'C2 H6 O S'
EDO non-polymer 1,2-ETHANEDIOL 'C2 H6 O2'
MG non-polymer 'MAGNESIUM ION' 'Mg 2'
SO4 non-polymer 'SULFATE ION' 'O4 S -2'
T27 non-polymer 4-{[4-({4-[(E)-2-cyanoethenyl]-2,6-dimethylphenyl}amino)pyrimidin-2-yl]amino}benzonitrile 'C22 H18 N6'
W15 non-polymer 2-(2-chloro-6-fluorophenyl)ethan-1-amine 'C8 H9 Cl F N'
#
# COMPACT_ATOMS: atom_id res chain seq x y z
N MET A 1 -18.94 -43.73 -31.04
CA MET A 1 -18.59 -42.83 -29.94
C MET A 1 -18.62 -41.37 -30.38
N VAL A 2 -18.88 -40.46 -29.45
CA VAL A 2 -18.84 -39.04 -29.70
C VAL A 2 -17.42 -38.55 -29.37
N PRO A 3 -16.71 -37.92 -30.31
CA PRO A 3 -15.39 -37.38 -29.97
C PRO A 3 -15.52 -36.31 -28.89
N ILE A 4 -14.56 -36.31 -27.97
CA ILE A 4 -14.53 -35.32 -26.90
C ILE A 4 -13.26 -34.50 -27.02
N SER A 5 -13.35 -33.25 -26.64
CA SER A 5 -12.19 -32.37 -26.73
C SER A 5 -11.22 -32.68 -25.61
N PRO A 6 -9.94 -32.83 -25.89
CA PRO A 6 -8.96 -32.99 -24.82
C PRO A 6 -8.80 -31.70 -24.04
N ILE A 7 -8.52 -31.85 -22.75
CA ILE A 7 -8.19 -30.71 -21.90
C ILE A 7 -6.70 -30.43 -22.09
N GLU A 8 -6.38 -29.19 -22.45
CA GLU A 8 -5.00 -28.82 -22.73
C GLU A 8 -4.18 -28.92 -21.45
N THR A 9 -2.97 -29.40 -21.57
CA THR A 9 -2.18 -29.67 -20.40
C THR A 9 -1.23 -28.53 -20.10
N VAL A 10 -0.99 -28.31 -18.82
CA VAL A 10 -0.16 -27.22 -18.34
C VAL A 10 1.27 -27.75 -18.22
N PRO A 11 2.29 -27.10 -18.87
CA PRO A 11 3.68 -27.52 -18.68
C PRO A 11 4.10 -27.30 -17.22
N VAL A 12 4.64 -28.33 -16.59
CA VAL A 12 5.08 -28.22 -15.17
C VAL A 12 6.58 -28.52 -15.11
N LYS A 13 7.31 -27.75 -14.31
CA LYS A 13 8.76 -27.98 -14.16
C LYS A 13 9.09 -28.15 -12.68
N LEU A 14 10.26 -28.71 -12.38
CA LEU A 14 10.68 -28.76 -10.97
C LEU A 14 11.35 -27.43 -10.66
N LYS A 15 11.62 -27.17 -9.38
CA LYS A 15 12.32 -25.92 -9.00
C LYS A 15 13.74 -25.90 -9.63
N PRO A 16 14.33 -24.74 -10.06
CA PRO A 16 15.65 -24.76 -10.72
C PRO A 16 16.69 -25.50 -9.88
N GLY A 17 17.47 -26.34 -10.56
CA GLY A 17 18.53 -27.09 -9.92
C GLY A 17 18.11 -28.29 -9.12
N MET A 18 16.82 -28.58 -9.02
CA MET A 18 16.34 -29.68 -8.21
C MET A 18 15.95 -30.87 -9.08
N ASP A 19 16.03 -32.06 -8.49
CA ASP A 19 15.66 -33.31 -9.14
C ASP A 19 14.40 -33.87 -8.49
N GLY A 20 13.90 -34.95 -9.08
CA GLY A 20 12.72 -35.60 -8.57
C GLY A 20 12.96 -36.29 -7.24
N PRO A 21 11.90 -36.74 -6.59
CA PRO A 21 12.03 -37.41 -5.30
C PRO A 21 12.52 -38.84 -5.44
N LYS A 22 13.25 -39.29 -4.42
CA LYS A 22 13.75 -40.66 -4.33
C LYS A 22 13.55 -41.14 -2.89
N VAL A 23 12.28 -41.33 -2.51
CA VAL A 23 11.93 -41.68 -1.10
C VAL A 23 11.62 -43.17 -0.97
N LYS A 24 12.04 -43.79 0.13
CA LYS A 24 11.88 -45.27 0.31
C LYS A 24 10.40 -45.59 0.55
N GLN A 25 9.87 -46.65 -0.05
CA GLN A 25 8.48 -47.09 0.22
C GLN A 25 8.44 -47.78 1.58
N TRP A 26 7.50 -47.39 2.44
CA TRP A 26 7.37 -47.97 3.79
C TRP A 26 6.85 -49.41 3.67
N PRO A 27 7.28 -50.36 4.53
CA PRO A 27 6.72 -51.72 4.49
C PRO A 27 5.23 -51.73 4.85
N LEU A 28 4.42 -52.49 4.11
CA LEU A 28 2.97 -52.52 4.35
C LEU A 28 2.51 -53.95 4.66
N THR A 29 1.46 -54.10 5.48
CA THR A 29 0.90 -55.40 5.80
C THR A 29 0.31 -56.05 4.55
N GLU A 30 0.40 -57.38 4.50
CA GLU A 30 -0.20 -58.19 3.43
C GLU A 30 -1.62 -57.72 3.18
N GLU A 31 -2.31 -57.35 4.26
CA GLU A 31 -3.63 -56.75 4.19
C GLU A 31 -3.66 -55.52 3.29
N LYS A 32 -2.87 -54.50 3.58
CA LYS A 32 -2.99 -53.26 2.76
C LYS A 32 -2.47 -53.49 1.34
N ILE A 33 -1.50 -54.38 1.17
CA ILE A 33 -0.88 -54.49 -0.16
C ILE A 33 -1.91 -54.92 -1.19
N LYS A 34 -2.65 -56.00 -0.92
CA LYS A 34 -3.65 -56.46 -1.88
C LYS A 34 -4.73 -55.42 -2.10
N ALA A 35 -4.99 -54.56 -1.10
CA ALA A 35 -5.99 -53.52 -1.27
C ALA A 35 -5.52 -52.47 -2.27
N LEU A 36 -4.24 -52.11 -2.21
CA LEU A 36 -3.67 -51.18 -3.18
C LEU A 36 -3.60 -51.80 -4.57
N VAL A 37 -3.31 -53.10 -4.66
CA VAL A 37 -3.21 -53.74 -5.97
C VAL A 37 -4.54 -53.67 -6.70
N GLU A 38 -5.64 -53.91 -5.98
CA GLU A 38 -6.96 -53.84 -6.60
C GLU A 38 -7.30 -52.40 -7.01
N ILE A 39 -7.03 -51.43 -6.12
CA ILE A 39 -7.31 -50.04 -6.45
C ILE A 39 -6.50 -49.61 -7.67
N CYS A 40 -5.20 -49.95 -7.68
CA CYS A 40 -4.34 -49.50 -8.77
C CYS A 40 -4.69 -50.19 -10.08
N THR A 41 -5.11 -51.45 -10.04
CA THR A 41 -5.61 -52.12 -11.22
C THR A 41 -6.83 -51.40 -11.78
N GLU A 42 -7.77 -51.05 -10.90
CA GLU A 42 -8.94 -50.28 -11.32
C GLU A 42 -8.51 -48.95 -11.92
N MET A 43 -7.65 -48.21 -11.23
CA MET A 43 -7.21 -46.92 -11.74
C MET A 43 -6.48 -47.05 -13.06
N GLU A 44 -5.70 -48.12 -13.22
CA GLU A 44 -4.99 -48.33 -14.48
C GLU A 44 -5.96 -48.61 -15.61
N LYS A 45 -7.04 -49.35 -15.32
CA LYS A 45 -8.05 -49.55 -16.36
C LYS A 45 -8.70 -48.22 -16.75
N GLU A 46 -8.86 -47.31 -15.80
CA GLU A 46 -9.55 -46.03 -16.08
C GLU A 46 -8.59 -45.04 -16.75
N GLY A 47 -7.33 -45.42 -16.93
CA GLY A 47 -6.37 -44.56 -17.59
C GLY A 47 -5.64 -43.58 -16.68
N LYS A 48 -5.93 -43.58 -15.38
CA LYS A 48 -5.36 -42.57 -14.49
C LYS A 48 -3.86 -42.78 -14.30
N ILE A 49 -3.41 -44.03 -14.22
CA ILE A 49 -2.01 -44.35 -14.00
C ILE A 49 -1.56 -45.38 -15.03
N SER A 50 -0.24 -45.59 -15.09
CA SER A 50 0.36 -46.55 -16.01
C SER A 50 1.53 -47.25 -15.33
N LYS A 51 1.64 -48.56 -15.53
CA LYS A 51 2.80 -49.30 -15.07
C LYS A 51 4.04 -48.86 -15.84
N ILE A 52 5.18 -48.79 -15.14
CA ILE A 52 6.43 -48.33 -15.71
C ILE A 52 7.51 -49.38 -15.47
N GLY A 53 8.57 -49.29 -16.27
CA GLY A 53 9.70 -50.17 -16.14
C GLY A 53 10.60 -49.78 -14.98
N PRO A 54 11.71 -50.53 -14.84
CA PRO A 54 12.55 -50.37 -13.65
C PRO A 54 13.58 -49.27 -13.72
N GLU A 55 13.79 -48.64 -14.88
CA GLU A 55 14.87 -47.65 -14.97
C GLU A 55 14.47 -46.28 -14.41
N ASN A 56 13.17 -45.97 -14.35
CA ASN A 56 12.73 -44.75 -13.67
C ASN A 56 13.28 -44.74 -12.24
N PRO A 57 14.12 -43.78 -11.89
CA PRO A 57 14.80 -43.82 -10.58
C PRO A 57 14.06 -43.11 -9.45
N TYR A 58 12.89 -42.54 -9.71
CA TYR A 58 12.16 -41.76 -8.73
C TYR A 58 11.17 -42.63 -7.97
N ASN A 59 10.79 -42.17 -6.78
CA ASN A 59 9.80 -42.92 -5.95
C ASN A 59 9.14 -42.00 -4.93
N THR A 60 7.85 -42.19 -4.68
CA THR A 60 7.11 -41.41 -3.67
C THR A 60 6.30 -42.42 -2.85
N PRO A 61 6.33 -42.38 -1.48
CA PRO A 61 5.55 -43.29 -0.65
C PRO A 61 4.06 -43.45 -0.94
N VAL A 62 3.59 -44.70 -0.97
CA VAL A 62 2.11 -44.90 -1.07
C VAL A 62 1.66 -45.57 0.24
N PHE A 63 0.45 -45.24 0.68
CA PHE A 63 -0.06 -45.77 1.95
C PHE A 63 -1.50 -46.24 1.78
N ALA A 64 -1.99 -47.01 2.75
CA ALA A 64 -3.35 -47.49 2.76
C ALA A 64 -3.96 -47.14 4.11
N ILE A 65 -5.07 -46.40 4.10
CA ILE A 65 -5.74 -45.93 5.30
C ILE A 65 -6.98 -46.79 5.53
N LYS A 66 -7.22 -47.17 6.78
CA LYS A 66 -8.44 -47.87 7.15
C LYS A 66 -9.51 -46.81 7.36
N LYS A 67 -10.40 -46.67 6.38
CA LYS A 67 -11.53 -45.77 6.52
C LYS A 67 -12.33 -46.19 7.74
N LYS A 68 -12.38 -45.31 8.75
CA LYS A 68 -12.84 -45.70 10.07
C LYS A 68 -14.24 -46.28 10.03
N ASP A 69 -14.46 -47.31 10.85
CA ASP A 69 -15.72 -48.05 10.92
C ASP A 69 -16.12 -48.57 9.55
N SER A 70 -15.19 -49.32 8.94
CA SER A 70 -15.40 -49.97 7.65
C SER A 70 -14.23 -50.91 7.40
N THR A 71 -14.49 -51.94 6.60
CA THR A 71 -13.46 -52.89 6.20
C THR A 71 -12.75 -52.48 4.93
N LYS A 72 -13.02 -51.29 4.41
CA LYS A 72 -12.50 -50.84 3.13
C LYS A 72 -11.29 -49.94 3.35
N TRP A 73 -10.16 -50.31 2.75
CA TRP A 73 -8.98 -49.48 2.76
C TRP A 73 -9.06 -48.42 1.66
N ARG A 74 -8.25 -47.38 1.78
CA ARG A 74 -8.10 -46.56 0.59
C ARG A 74 -6.75 -45.87 0.62
N LYS A 75 -6.37 -45.47 -0.59
CA LYS A 75 -4.98 -45.24 -0.97
C LYS A 75 -4.63 -43.75 -0.92
N LEU A 76 -3.52 -43.45 -0.26
CA LEU A 76 -3.02 -42.08 -0.16
C LEU A 76 -1.54 -42.07 -0.55
N VAL A 77 -1.17 -41.16 -1.43
CA VAL A 77 0.20 -41.01 -1.89
C VAL A 77 0.80 -39.80 -1.17
N ASP A 78 1.91 -40.04 -0.46
CA ASP A 78 2.57 -38.96 0.31
C ASP A 78 3.47 -38.15 -0.61
N PHE A 79 2.95 -37.06 -1.15
CA PHE A 79 3.66 -36.23 -2.12
C PHE A 79 4.49 -35.11 -1.47
N ARG A 80 4.75 -35.19 -0.16
CA ARG A 80 5.42 -34.08 0.51
C ARG A 80 6.77 -33.76 -0.11
N GLU A 81 7.55 -34.79 -0.48
CA GLU A 81 8.87 -34.54 -1.03
C GLU A 81 8.79 -33.95 -2.43
N LEU A 82 7.95 -34.53 -3.30
CA LEU A 82 7.78 -33.96 -4.64
C LEU A 82 7.26 -32.53 -4.57
N ASN A 83 6.36 -32.26 -3.63
CA ASN A 83 5.81 -30.90 -3.51
C ASN A 83 6.90 -29.89 -3.17
N LYS A 84 7.84 -30.27 -2.30
CA LYS A 84 8.95 -29.37 -1.98
C LYS A 84 9.79 -29.06 -3.20
N ARG A 85 9.80 -29.95 -4.20
CA ARG A 85 10.65 -29.78 -5.38
C ARG A 85 9.88 -29.27 -6.60
N THR A 86 8.57 -29.13 -6.47
CA THR A 86 7.72 -28.69 -7.60
C THR A 86 7.72 -27.16 -7.63
N GLN A 87 7.67 -26.56 -8.84
CA GLN A 87 7.66 -25.09 -9.00
C GLN A 87 6.43 -24.46 -8.36
N ASP A 88 6.48 -23.15 -8.09
CA ASP A 88 5.32 -22.44 -7.61
C ASP A 88 4.33 -22.22 -8.74
N PHE A 89 3.04 -22.14 -8.39
CA PHE A 89 1.97 -21.89 -9.34
C PHE A 89 1.23 -20.61 -8.95
N TRP A 90 0.41 -20.13 -9.88
CA TRP A 90 -0.47 -18.97 -9.55
C TRP A 90 -1.71 -19.53 -8.85
N GLU A 91 -1.97 -19.07 -7.62
CA GLU A 91 -3.19 -19.52 -6.90
C GLU A 91 -4.24 -18.42 -6.95
N VAL A 92 -5.37 -18.68 -7.62
CA VAL A 92 -6.47 -17.67 -7.72
C VAL A 92 -7.51 -17.94 -6.63
N GLN A 93 -7.12 -18.69 -5.59
CA GLN A 93 -8.05 -18.96 -4.45
C GLN A 93 -7.68 -17.99 -3.33
N LEU A 94 -6.53 -17.32 -3.46
CA LEU A 94 -6.04 -16.38 -2.41
C LEU A 94 -7.19 -15.53 -1.86
N GLY A 95 -7.82 -14.70 -2.70
CA GLY A 95 -8.95 -13.86 -2.24
C GLY A 95 -10.27 -14.60 -2.34
N ILE A 96 -11.00 -14.72 -1.23
CA ILE A 96 -12.32 -15.35 -1.31
C ILE A 96 -13.39 -14.25 -1.32
N PRO A 97 -14.51 -14.46 -2.02
CA PRO A 97 -15.55 -13.42 -2.02
C PRO A 97 -16.10 -13.20 -0.63
N HIS A 98 -16.40 -11.94 -0.33
CA HIS A 98 -17.15 -11.70 0.89
C HIS A 98 -18.65 -11.74 0.58
N PRO A 99 -19.43 -12.42 1.44
CA PRO A 99 -20.88 -12.50 1.20
C PRO A 99 -21.55 -11.16 0.97
N ALA A 100 -21.11 -10.11 1.66
CA ALA A 100 -21.74 -8.79 1.51
C ALA A 100 -21.54 -8.20 0.13
N GLY A 101 -20.62 -8.74 -0.68
CA GLY A 101 -20.46 -8.30 -2.05
C GLY A 101 -21.23 -9.09 -3.06
N LEU A 102 -21.82 -10.22 -2.64
CA LEU A 102 -22.61 -11.04 -3.53
C LEU A 102 -23.94 -10.34 -3.85
N LYS A 103 -24.60 -10.84 -4.90
CA LYS A 103 -25.90 -10.36 -5.32
C LYS A 103 -26.96 -11.38 -4.94
N LYS A 104 -28.17 -10.90 -4.66
CA LYS A 104 -29.32 -11.78 -4.37
C LYS A 104 -29.59 -12.67 -5.60
N LYS A 105 -29.94 -13.92 -5.36
CA LYS A 105 -30.25 -14.86 -6.43
C LYS A 105 -31.52 -15.63 -6.08
N LYS A 106 -32.41 -15.76 -7.07
CA LYS A 106 -33.63 -16.54 -6.81
C LYS A 106 -33.33 -18.03 -6.72
N SER A 107 -32.41 -18.57 -7.53
CA SER A 107 -32.08 -19.97 -7.50
C SER A 107 -30.57 -20.15 -7.57
N VAL A 108 -30.05 -21.14 -6.83
CA VAL A 108 -28.67 -21.57 -6.92
C VAL A 108 -28.66 -23.09 -6.98
N THR A 109 -28.15 -23.64 -8.07
CA THR A 109 -28.07 -25.08 -8.28
C THR A 109 -26.62 -25.53 -8.12
N VAL A 110 -26.43 -26.71 -7.55
CA VAL A 110 -25.11 -27.29 -7.34
C VAL A 110 -24.94 -28.46 -8.30
N LEU A 111 -23.79 -28.53 -8.96
CA LEU A 111 -23.42 -29.63 -9.84
C LEU A 111 -22.14 -30.28 -9.34
N ASP A 112 -22.13 -31.61 -9.28
CA ASP A 112 -20.92 -32.31 -8.85
C ASP A 112 -20.04 -32.56 -10.07
N VAL A 113 -18.80 -32.08 -9.97
CA VAL A 113 -17.82 -32.26 -11.04
C VAL A 113 -16.62 -33.02 -10.51
N GLY A 114 -16.84 -33.90 -9.53
CA GLY A 114 -15.75 -34.67 -8.96
C GLY A 114 -15.12 -35.63 -9.94
N ASP A 115 -15.90 -36.26 -10.82
CA ASP A 115 -15.26 -37.30 -11.68
C ASP A 115 -14.62 -36.64 -12.90
N ALA A 116 -14.57 -35.31 -12.85
CA ALA A 116 -13.92 -34.55 -13.93
C ALA A 116 -12.50 -34.18 -13.48
N TYR A 117 -12.24 -34.32 -12.17
CA TYR A 117 -10.91 -33.93 -11.60
C TYR A 117 -9.82 -34.90 -12.08
N PHE A 118 -10.05 -36.21 -11.93
CA PHE A 118 -9.02 -37.20 -12.33
C PHE A 118 -9.11 -37.45 -13.83
N SER A 119 -9.61 -36.48 -14.59
CA SER A 119 -9.64 -36.57 -16.06
C SER A 119 -8.75 -35.45 -16.62
N VAL A 120 -8.20 -34.61 -15.72
CA VAL A 120 -7.31 -33.53 -16.16
C VAL A 120 -5.92 -34.11 -16.36
N PRO A 121 -5.38 -34.09 -17.58
CA PRO A 121 -4.13 -34.74 -17.85
C PRO A 121 -2.92 -34.06 -17.21
N LEU A 122 -1.93 -34.84 -16.82
CA LEU A 122 -0.68 -34.31 -16.30
C LEU A 122 0.33 -34.21 -17.43
N ASP A 123 1.08 -33.10 -17.46
CA ASP A 123 2.15 -32.88 -18.43
C ASP A 123 3.04 -34.12 -18.57
N GLU A 124 3.13 -34.62 -19.81
CA GLU A 124 3.89 -35.88 -20.08
C GLU A 124 5.29 -35.82 -19.47
N ASP A 125 6.02 -34.71 -19.63
CA ASP A 125 7.40 -34.66 -19.17
C ASP A 125 7.50 -34.69 -17.65
N PHE A 126 6.41 -34.43 -16.94
CA PHE A 126 6.47 -34.38 -15.46
C PHE A 126 6.01 -35.70 -14.84
N ARG A 127 5.36 -36.57 -15.63
CA ARG A 127 4.78 -37.78 -15.05
C ARG A 127 5.83 -38.66 -14.37
N LYS A 128 7.05 -38.70 -14.91
CA LYS A 128 8.09 -39.57 -14.35
C LYS A 128 8.37 -39.25 -12.88
N TYR A 129 8.11 -38.01 -12.45
CA TYR A 129 8.40 -37.63 -11.08
C TYR A 129 7.34 -38.12 -10.08
N THR A 130 6.21 -38.63 -10.56
CA THR A 130 5.14 -39.11 -9.71
C THR A 130 5.18 -40.61 -9.49
N ALA A 131 6.30 -41.27 -9.81
CA ALA A 131 6.36 -42.72 -9.72
C ALA A 131 6.21 -43.19 -8.28
N PHE A 132 5.52 -44.32 -8.11
CA PHE A 132 5.37 -44.95 -6.80
C PHE A 132 5.40 -46.46 -6.96
N THR A 133 5.55 -47.14 -5.83
CA THR A 133 5.73 -48.61 -5.87
C THR A 133 4.89 -49.32 -4.83
N ILE A 134 4.03 -50.25 -5.26
CA ILE A 134 3.30 -51.12 -4.35
C ILE A 134 4.27 -52.21 -3.90
N PRO A 135 4.52 -52.39 -2.57
CA PRO A 135 5.41 -53.44 -2.11
C PRO A 135 4.84 -54.81 -2.48
N SER A 136 5.72 -55.78 -2.72
CA SER A 136 5.29 -57.12 -3.06
C SER A 136 5.03 -57.94 -1.81
N ILE A 137 4.25 -59.01 -1.97
CA ILE A 137 4.01 -59.93 -0.86
C ILE A 137 5.33 -60.60 -0.49
N ASN A 138 5.74 -60.45 0.78
CA ASN A 138 6.93 -61.05 1.36
C ASN A 138 8.22 -60.51 0.76
N ASN A 139 8.16 -59.42 -0.01
CA ASN A 139 9.32 -58.86 -0.74
C ASN A 139 10.09 -59.93 -1.50
N GLU A 140 9.37 -60.87 -2.11
CA GLU A 140 9.99 -61.93 -2.90
C GLU A 140 9.90 -61.67 -4.40
N THR A 141 9.30 -60.56 -4.81
CA THR A 141 9.23 -60.11 -6.19
C THR A 141 9.52 -58.61 -6.21
N PRO A 142 9.83 -58.02 -7.37
CA PRO A 142 9.87 -56.55 -7.42
C PRO A 142 8.49 -55.97 -7.15
N GLY A 143 8.47 -54.80 -6.53
CA GLY A 143 7.23 -54.08 -6.38
C GLY A 143 6.65 -53.66 -7.72
N ILE A 144 5.35 -53.42 -7.74
CA ILE A 144 4.66 -52.97 -8.94
C ILE A 144 4.80 -51.46 -9.03
N ARG A 145 5.37 -50.97 -10.13
CA ARG A 145 5.68 -49.57 -10.31
C ARG A 145 4.62 -48.90 -11.18
N TYR A 146 4.15 -47.72 -10.75
CA TYR A 146 3.20 -46.93 -11.52
C TYR A 146 3.66 -45.47 -11.53
N GLN A 147 3.11 -44.72 -12.49
CA GLN A 147 3.22 -43.27 -12.49
C GLN A 147 1.87 -42.71 -12.92
N TYR A 148 1.62 -41.44 -12.58
CA TYR A 148 0.34 -40.81 -12.85
C TYR A 148 0.31 -40.22 -14.26
N ASN A 149 -0.87 -40.31 -14.89
CA ASN A 149 -1.16 -39.61 -16.13
C ASN A 149 -2.10 -38.43 -15.93
N VAL A 150 -2.71 -38.32 -14.76
CA VAL A 150 -3.65 -37.24 -14.44
C VAL A 150 -3.17 -36.57 -13.17
N LEU A 151 -3.79 -35.44 -12.85
CA LEU A 151 -3.48 -34.69 -11.64
C LEU A 151 -3.68 -35.60 -10.42
N PRO A 152 -2.67 -35.79 -9.58
CA PRO A 152 -2.84 -36.64 -8.40
C PRO A 152 -3.31 -35.85 -7.19
N GLN A 153 -4.18 -36.48 -6.41
CA GLN A 153 -4.59 -35.88 -5.14
C GLN A 153 -3.39 -35.71 -4.22
N GLY A 154 -3.24 -34.51 -3.67
CA GLY A 154 -2.15 -34.22 -2.76
C GLY A 154 -0.93 -33.60 -3.40
N TRP A 155 -0.85 -33.57 -4.72
CA TRP A 155 0.28 -32.94 -5.38
C TRP A 155 0.07 -31.43 -5.43
N LYS A 156 1.19 -30.70 -5.33
CA LYS A 156 1.15 -29.26 -5.13
C LYS A 156 0.37 -28.55 -6.24
N GLY A 157 0.52 -29.00 -7.48
CA GLY A 157 -0.07 -28.30 -8.60
C GLY A 157 -1.52 -28.65 -8.93
N SER A 158 -2.06 -29.71 -8.34
CA SER A 158 -3.39 -30.18 -8.73
C SER A 158 -4.50 -29.15 -8.50
N PRO A 159 -4.58 -28.46 -7.36
CA PRO A 159 -5.68 -27.47 -7.21
C PRO A 159 -5.63 -26.36 -8.23
N ALA A 160 -4.47 -25.76 -8.46
CA ALA A 160 -4.38 -24.64 -9.40
C ALA A 160 -4.61 -25.09 -10.83
N ILE A 161 -4.08 -26.25 -11.22
CA ILE A 161 -4.26 -26.71 -12.59
C ILE A 161 -5.71 -27.12 -12.82
N PHE A 162 -6.33 -27.80 -11.86
CA PHE A 162 -7.74 -28.15 -11.99
C PHE A 162 -8.61 -26.90 -12.10
N GLN A 163 -8.38 -25.92 -11.22
CA GLN A 163 -9.18 -24.67 -11.23
C GLN A 163 -9.02 -23.98 -12.59
N SER A 164 -7.79 -23.84 -13.07
CA SER A 164 -7.56 -23.13 -14.32
C SER A 164 -8.16 -23.89 -15.50
N SER A 165 -8.11 -25.21 -15.47
CA SER A 165 -8.71 -26.01 -16.54
C SER A 165 -10.23 -25.85 -16.56
N MET A 166 -10.86 -25.90 -15.38
CA MET A 166 -12.30 -25.71 -15.32
C MET A 166 -12.70 -24.31 -15.75
N THR A 167 -11.94 -23.29 -15.32
CA THR A 167 -12.26 -21.93 -15.70
C THR A 167 -12.25 -21.76 -17.21
N LYS A 168 -11.23 -22.31 -17.87
CA LYS A 168 -11.12 -22.18 -19.35
C LYS A 168 -12.31 -22.88 -20.00
N ILE A 169 -12.68 -24.06 -19.51
CA ILE A 169 -13.85 -24.77 -20.03
C ILE A 169 -15.11 -23.94 -19.85
N LEU A 170 -15.26 -23.31 -18.69
CA LEU A 170 -16.49 -22.60 -18.36
C LEU A 170 -16.57 -21.22 -19.00
N GLU A 171 -15.44 -20.62 -19.39
CA GLU A 171 -15.42 -19.24 -19.88
C GLU A 171 -16.42 -18.98 -21.00
N PRO A 172 -16.46 -19.74 -22.10
CA PRO A 172 -17.43 -19.42 -23.16
C PRO A 172 -18.87 -19.56 -22.72
N PHE A 173 -19.18 -20.47 -21.80
CA PHE A 173 -20.55 -20.59 -21.33
C PHE A 173 -20.96 -19.36 -20.51
N ALA A 174 -20.11 -18.95 -19.58
CA ALA A 174 -20.41 -17.78 -18.76
C ALA A 174 -20.53 -16.52 -19.61
N ALA A 175 -19.60 -16.34 -20.56
CA ALA A 175 -19.61 -15.12 -21.37
C ALA A 175 -20.86 -15.02 -22.23
N GLN A 176 -21.33 -16.14 -22.75
CA GLN A 176 -22.50 -16.14 -23.61
C GLN A 176 -23.80 -16.35 -22.85
N ASN A 177 -23.74 -16.48 -21.53
CA ASN A 177 -24.92 -16.53 -20.66
C ASN A 177 -24.71 -15.55 -19.51
N PRO A 178 -24.75 -14.24 -19.79
CA PRO A 178 -24.46 -13.25 -18.74
C PRO A 178 -25.54 -13.15 -17.67
N ASP A 179 -26.66 -13.86 -17.82
CA ASP A 179 -27.72 -13.83 -16.84
C ASP A 179 -27.57 -14.92 -15.77
N ILE A 180 -26.40 -15.55 -15.68
CA ILE A 180 -26.10 -16.50 -14.61
C ILE A 180 -24.72 -16.18 -14.05
N VAL A 181 -24.46 -16.71 -12.86
CA VAL A 181 -23.14 -16.69 -12.23
C VAL A 181 -22.72 -18.13 -11.97
N ILE A 182 -21.42 -18.39 -12.12
CA ILE A 182 -20.86 -19.72 -11.86
C ILE A 182 -19.69 -19.56 -10.92
N TYR A 183 -19.65 -20.40 -9.88
CA TYR A 183 -18.57 -20.36 -8.91
C TYR A 183 -18.18 -21.80 -8.61
N GLN A 184 -16.88 -22.08 -8.65
CA GLN A 184 -16.38 -23.42 -8.39
C GLN A 184 -15.73 -23.47 -7.02
N TYR A 185 -16.00 -24.54 -6.28
CA TYR A 185 -15.47 -24.72 -4.95
C TYR A 185 -15.42 -26.21 -4.66
N MET A 186 -14.21 -26.72 -4.43
CA MET A 186 -13.96 -28.15 -4.21
C MET A 186 -14.42 -28.87 -5.47
N ASP A 187 -15.24 -29.92 -5.36
CA ASP A 187 -15.69 -30.70 -6.50
C ASP A 187 -17.07 -30.28 -6.99
N ASP A 188 -17.48 -29.05 -6.73
CA ASP A 188 -18.84 -28.62 -7.04
C ASP A 188 -18.83 -27.32 -7.84
N LEU A 189 -19.77 -27.21 -8.75
CA LEU A 189 -20.08 -25.96 -9.45
C LEU A 189 -21.39 -25.43 -8.89
N TYR A 190 -21.38 -24.15 -8.52
CA TYR A 190 -22.59 -23.47 -8.06
C TYR A 190 -23.04 -22.51 -9.14
N VAL A 191 -24.30 -22.62 -9.56
CA VAL A 191 -24.85 -21.82 -10.64
C VAL A 191 -26.08 -21.09 -10.11
N GLY A 192 -26.02 -19.76 -10.11
CA GLY A 192 -27.10 -18.94 -9.61
C GLY A 192 -27.67 -18.04 -10.69
N SER A 193 -28.95 -17.69 -10.53
CA SER A 193 -29.60 -16.80 -11.48
C SER A 193 -30.86 -16.21 -10.84
N ASP A 194 -31.42 -15.21 -11.54
CA ASP A 194 -32.71 -14.62 -11.21
C ASP A 194 -33.79 -15.07 -12.18
N LEU A 195 -33.53 -16.13 -12.90
CA LEU A 195 -34.48 -16.48 -13.96
C LEU A 195 -35.64 -17.29 -13.43
N GLU A 196 -36.79 -17.22 -14.09
CA GLU A 196 -37.91 -18.12 -13.85
C GLU A 196 -37.37 -19.54 -13.70
N ILE A 197 -37.96 -20.32 -12.81
CA ILE A 197 -37.39 -21.61 -12.43
C ILE A 197 -37.26 -22.55 -13.65
N GLY A 198 -38.11 -22.35 -14.65
CA GLY A 198 -38.03 -23.15 -15.86
C GLY A 198 -36.83 -22.79 -16.71
N GLN A 199 -36.65 -21.48 -16.97
CA GLN A 199 -35.48 -21.03 -17.71
C GLN A 199 -34.20 -21.38 -16.97
N HIS A 200 -34.22 -21.30 -15.64
CA HIS A 200 -33.02 -21.60 -14.86
C HIS A 200 -32.60 -23.05 -15.06
N ARG A 201 -33.55 -23.97 -14.96
CA ARG A 201 -33.22 -25.37 -15.18
C ARG A 201 -32.84 -25.65 -16.62
N THR A 202 -33.33 -24.83 -17.56
CA THR A 202 -32.89 -24.99 -18.94
C THR A 202 -31.43 -24.58 -19.08
N LYS A 203 -31.02 -23.50 -18.39
CA LYS A 203 -29.62 -23.12 -18.38
C LYS A 203 -28.75 -24.22 -17.78
N ILE A 204 -29.26 -24.89 -16.74
CA ILE A 204 -28.48 -25.95 -16.09
C ILE A 204 -28.26 -27.11 -17.05
N GLU A 205 -29.31 -27.50 -17.79
CA GLU A 205 -29.20 -28.56 -18.79
C GLU A 205 -28.22 -28.18 -19.89
N GLU A 206 -28.25 -26.90 -20.29
CA GLU A 206 -27.34 -26.42 -21.32
C GLU A 206 -25.89 -26.45 -20.82
N LEU A 207 -25.69 -26.17 -19.53
CA LEU A 207 -24.34 -26.26 -18.95
C LEU A 207 -23.86 -27.70 -18.92
N ARG A 208 -24.76 -28.63 -18.58
CA ARG A 208 -24.41 -30.05 -18.63
C ARG A 208 -24.04 -30.48 -20.04
N GLN A 209 -24.80 -30.01 -21.03
CA GLN A 209 -24.47 -30.31 -22.42
C GLN A 209 -23.13 -29.71 -22.83
N HIS A 210 -22.84 -28.49 -22.34
CA HIS A 210 -21.56 -27.87 -22.63
C HIS A 210 -20.41 -28.67 -22.03
N LEU A 211 -20.55 -29.09 -20.77
CA LEU A 211 -19.48 -29.82 -20.11
C LEU A 211 -19.25 -31.18 -20.76
N LEU A 212 -20.29 -31.77 -21.37
CA LEU A 212 -20.08 -33.07 -21.99
C LEU A 212 -19.19 -32.98 -23.22
N ARG A 213 -19.00 -31.80 -23.74
CA ARG A 213 -18.07 -31.53 -24.83
C ARG A 213 -16.63 -31.86 -24.42
N TRP A 214 -16.31 -32.19 -23.26
CA TRP A 214 -14.93 -32.58 -22.83
C TRP A 214 -15.06 -33.92 -22.12
N GLY A 215 -16.25 -34.54 -22.17
CA GLY A 215 -16.46 -35.83 -21.56
C GLY A 215 -16.77 -35.78 -20.08
N LEU A 216 -17.05 -34.61 -19.53
CA LEU A 216 -17.28 -34.44 -18.10
C LEU A 216 -18.75 -34.69 -17.81
N THR A 217 -19.03 -35.75 -17.05
CA THR A 217 -20.40 -36.10 -16.70
C THR A 217 -20.75 -35.50 -15.34
N THR A 218 -22.02 -35.15 -15.19
CA THR A 218 -22.57 -34.68 -13.94
C THR A 218 -23.69 -35.61 -13.49
N PRO A 219 -23.78 -35.93 -12.20
CA PRO A 219 -24.83 -36.84 -11.73
C PRO A 219 -26.22 -36.31 -12.04
N ASP A 220 -27.04 -37.17 -12.64
CA ASP A 220 -28.37 -36.65 -12.95
C ASP A 220 -29.22 -36.55 -11.68
N LYS A 221 -29.10 -37.45 -10.71
CA LYS A 221 -29.72 -37.23 -9.41
C LYS A 221 -29.14 -35.98 -8.78
N LYS A 222 -29.99 -34.95 -8.66
CA LYS A 222 -29.61 -33.62 -8.11
C LYS A 222 -28.74 -33.67 -6.85
N HIS A 223 -27.88 -32.67 -6.70
CA HIS A 223 -26.94 -32.63 -5.55
C HIS A 223 -27.65 -32.41 -4.22
N GLN A 224 -27.37 -33.25 -3.22
CA GLN A 224 -27.83 -33.09 -1.85
C GLN A 224 -27.92 -31.61 -1.51
N LYS A 225 -26.83 -30.87 -1.72
CA LYS A 225 -26.70 -29.53 -1.18
C LYS A 225 -27.62 -28.55 -1.89
N GLU A 226 -28.35 -27.83 -1.04
CA GLU A 226 -29.34 -26.87 -1.54
C GLU A 226 -29.29 -25.67 -0.58
N PRO A 227 -29.67 -24.42 -0.95
CA PRO A 227 -29.69 -23.29 0.00
C PRO A 227 -30.53 -23.62 1.22
N PRO A 228 -30.08 -23.22 2.42
CA PRO A 228 -28.85 -22.44 2.68
C PRO A 228 -27.57 -23.26 2.59
N PHE A 229 -26.46 -22.59 2.26
CA PHE A 229 -25.16 -23.22 2.14
C PHE A 229 -24.28 -22.86 3.33
N LEU A 230 -23.59 -23.86 3.88
CA LEU A 230 -22.50 -23.62 4.81
C LEU A 230 -21.21 -23.52 4.01
N TRP A 231 -20.56 -22.36 4.09
CA TRP A 231 -19.45 -22.05 3.19
C TRP A 231 -18.50 -21.09 3.88
N MET A 232 -17.26 -21.55 4.11
CA MET A 232 -16.17 -20.70 4.60
C MET A 232 -16.54 -19.96 5.89
N GLY A 233 -17.29 -20.63 6.75
CA GLY A 233 -17.69 -20.05 8.02
C GLY A 233 -18.92 -19.16 7.95
N TYR A 234 -19.58 -19.08 6.80
CA TYR A 234 -20.79 -18.31 6.62
C TYR A 234 -21.98 -19.23 6.41
N GLU A 235 -23.17 -18.64 6.48
CA GLU A 235 -24.39 -19.24 5.95
C GLU A 235 -24.88 -18.36 4.81
N LEU A 236 -24.98 -18.93 3.61
CA LEU A 236 -25.50 -18.22 2.45
C LEU A 236 -26.94 -18.65 2.22
N HIS A 237 -27.86 -17.69 2.21
CA HIS A 237 -29.25 -17.88 1.83
C HIS A 237 -29.53 -17.14 0.53
N PRO A 238 -30.65 -17.45 -0.15
CA PRO A 238 -30.93 -16.77 -1.43
C PRO A 238 -30.98 -15.25 -1.35
N ASP A 239 -31.40 -14.70 -0.21
CA ASP A 239 -31.58 -13.22 -0.13
C ASP A 239 -30.92 -12.61 1.11
N LYS A 240 -30.16 -13.41 1.86
CA LYS A 240 -29.48 -12.87 3.03
C LYS A 240 -28.33 -13.80 3.39
N TRP A 241 -27.43 -13.30 4.23
CA TRP A 241 -26.28 -14.06 4.68
C TRP A 241 -26.05 -13.80 6.15
N THR A 242 -25.32 -14.71 6.79
CA THR A 242 -24.83 -14.46 8.15
C THR A 242 -23.59 -15.31 8.37
N VAL A 243 -23.01 -15.18 9.55
CA VAL A 243 -21.93 -16.06 9.97
C VAL A 243 -22.55 -17.29 10.62
N GLN A 244 -21.81 -18.41 10.60
CA GLN A 244 -22.27 -19.62 11.25
C GLN A 244 -22.32 -19.37 12.77
N PRO A 245 -23.06 -20.21 13.50
CA PRO A 245 -23.35 -19.90 14.92
C PRO A 245 -22.09 -19.57 15.73
N ILE A 246 -22.19 -18.49 16.50
CA ILE A 246 -21.12 -17.98 17.34
C ILE A 246 -21.53 -18.24 18.79
N VAL A 247 -20.91 -19.22 19.43
CA VAL A 247 -21.27 -19.60 20.80
C VAL A 247 -20.07 -19.35 21.70
N LEU A 248 -20.22 -18.40 22.62
CA LEU A 248 -19.18 -18.08 23.58
C LEU A 248 -19.34 -18.97 24.80
N PRO A 249 -18.35 -19.79 25.13
CA PRO A 249 -18.53 -20.76 26.22
C PRO A 249 -18.66 -20.08 27.57
N GLU A 250 -19.39 -20.73 28.46
CA GLU A 250 -19.34 -20.38 29.87
C GLU A 250 -18.15 -21.10 30.50
N LYS A 251 -17.25 -20.32 31.09
CA LYS A 251 -16.06 -20.86 31.72
C LYS A 251 -15.81 -20.08 33.00
N ASP A 252 -15.44 -20.79 34.06
CA ASP A 252 -15.18 -20.11 35.33
C ASP A 252 -13.73 -19.68 35.49
N SER A 253 -12.82 -20.26 34.71
CA SER A 253 -11.45 -19.75 34.61
C SER A 253 -11.02 -19.86 33.16
N TRP A 254 -10.17 -18.92 32.73
CA TRP A 254 -9.84 -18.77 31.33
C TRP A 254 -8.34 -18.97 31.09
N THR A 255 -8.05 -19.70 30.01
CA THR A 255 -6.72 -20.05 29.53
C THR A 255 -6.26 -19.03 28.49
N VAL A 256 -4.94 -18.91 28.31
CA VAL A 256 -4.41 -18.18 27.15
C VAL A 256 -5.14 -18.62 25.90
N ASN A 257 -5.14 -19.93 25.65
CA ASN A 257 -5.75 -20.49 24.45
C ASN A 257 -7.24 -20.20 24.38
N ASP A 258 -7.94 -20.25 25.52
CA ASP A 258 -9.36 -19.94 25.53
C ASP A 258 -9.61 -18.49 25.12
N ILE A 259 -8.82 -17.56 25.63
CA ILE A 259 -9.02 -16.16 25.30
C ILE A 259 -8.67 -15.90 23.84
N GLN A 260 -7.66 -16.60 23.31
CA GLN A 260 -7.36 -16.49 21.89
C GLN A 260 -8.55 -16.96 21.05
N LYS A 261 -9.12 -18.11 21.41
CA LYS A 261 -10.29 -18.61 20.68
C LYS A 261 -11.49 -17.70 20.86
N LEU A 262 -11.65 -17.12 22.05
CA LEU A 262 -12.75 -16.18 22.29
C LEU A 262 -12.62 -14.95 21.40
N VAL A 263 -11.42 -14.37 21.33
CA VAL A 263 -11.22 -13.18 20.51
C VAL A 263 -11.42 -13.50 19.03
N GLY A 264 -10.98 -14.69 18.61
CA GLY A 264 -11.19 -15.08 17.22
C GLY A 264 -12.66 -15.21 16.85
N LYS A 265 -13.46 -15.78 17.75
CA LYS A 265 -14.90 -15.86 17.50
C LYS A 265 -15.52 -14.48 17.46
N LEU A 266 -15.11 -13.59 18.37
CA LEU A 266 -15.62 -12.23 18.37
C LEU A 266 -15.22 -11.50 17.10
N ASN A 267 -13.97 -11.68 16.67
CA ASN A 267 -13.52 -11.06 15.43
C ASN A 267 -14.34 -11.54 14.25
N TRP A 268 -14.62 -12.85 14.18
CA TRP A 268 -15.45 -13.37 13.11
C TRP A 268 -16.86 -12.81 13.17
N ALA A 269 -17.43 -12.71 14.38
CA ALA A 269 -18.79 -12.23 14.53
C ALA A 269 -18.92 -10.76 14.18
N SER A 270 -17.86 -9.98 14.35
CA SER A 270 -17.93 -8.53 14.18
C SER A 270 -18.22 -8.10 12.74
N GLN A 271 -18.20 -9.01 11.78
CA GLN A 271 -18.51 -8.58 10.42
C GLN A 271 -20.01 -8.49 10.14
N ILE A 272 -20.87 -8.89 11.07
CA ILE A 272 -22.31 -8.66 10.89
C ILE A 272 -22.98 -8.28 12.20
N TYR A 273 -22.39 -8.67 13.34
CA TYR A 273 -22.96 -8.26 14.63
C TYR A 273 -22.42 -6.90 15.02
N PRO A 274 -23.27 -5.88 15.09
CA PRO A 274 -22.77 -4.52 15.35
C PRO A 274 -22.27 -4.36 16.77
N GLY A 275 -21.19 -3.59 16.91
CA GLY A 275 -20.74 -3.15 18.22
C GLY A 275 -19.87 -4.13 18.99
N ILE A 276 -19.43 -5.23 18.38
CA ILE A 276 -18.55 -6.16 19.07
C ILE A 276 -17.28 -5.43 19.52
N LYS A 277 -16.82 -5.73 20.75
CA LYS A 277 -15.63 -5.11 21.32
C LYS A 277 -14.67 -6.17 21.83
N VAL A 278 -13.37 -5.93 21.65
CA VAL A 278 -12.35 -6.93 21.98
C VAL A 278 -11.13 -6.33 22.67
N ARG A 279 -11.13 -5.02 22.93
CA ARG A 279 -9.93 -4.37 23.47
C ARG A 279 -9.52 -4.97 24.81
N GLN A 280 -10.44 -4.98 25.79
CA GLN A 280 -10.07 -5.42 27.13
C GLN A 280 -9.73 -6.90 27.16
N LEU A 281 -10.35 -7.72 26.31
CA LEU A 281 -9.98 -9.12 26.24
C LEU A 281 -8.64 -9.30 25.53
N SER A 282 -8.35 -8.46 24.53
CA SER A 282 -7.07 -8.53 23.85
C SER A 282 -5.92 -8.11 24.77
N LYS A 283 -6.18 -7.18 25.69
CA LYS A 283 -5.14 -6.75 26.63
C LYS A 283 -4.64 -7.89 27.51
N LEU A 284 -5.42 -8.95 27.67
CA LEU A 284 -5.01 -10.07 28.51
C LEU A 284 -3.96 -10.95 27.82
N LEU A 285 -3.83 -10.87 26.50
CA LEU A 285 -2.89 -11.67 25.74
C LEU A 285 -1.51 -11.01 25.59
N ARG A 286 -1.31 -9.84 26.20
CA ARG A 286 -0.12 -9.03 25.94
C ARG A 286 1.16 -9.77 26.31
N GLY A 287 2.02 -9.97 25.30
CA GLY A 287 3.36 -10.47 25.50
C GLY A 287 3.48 -11.97 25.70
N THR A 288 2.50 -12.58 26.34
CA THR A 288 2.57 -13.98 26.74
C THR A 288 2.11 -14.88 25.61
N LYS A 289 2.64 -16.11 25.58
CA LYS A 289 2.18 -17.10 24.61
C LYS A 289 2.44 -18.53 25.09
N ALA A 290 2.37 -18.78 26.39
CA ALA A 290 2.29 -20.15 26.89
C ALA A 290 0.82 -20.55 26.91
N LEU A 291 0.42 -21.37 25.93
CA LEU A 291 -1.00 -21.51 25.63
C LEU A 291 -1.82 -22.05 26.80
N THR A 292 -1.20 -22.62 27.82
CA THR A 292 -1.92 -23.24 28.93
C THR A 292 -2.03 -22.35 30.16
N GLU A 293 -1.38 -21.19 30.17
CA GLU A 293 -1.40 -20.33 31.35
C GLU A 293 -2.77 -19.72 31.56
N VAL A 294 -3.21 -19.70 32.82
CA VAL A 294 -4.49 -19.14 33.20
C VAL A 294 -4.32 -17.66 33.53
N ILE A 295 -5.22 -16.83 33.02
CA ILE A 295 -5.18 -15.39 33.25
C ILE A 295 -6.47 -14.99 33.96
N PRO A 296 -6.39 -14.35 35.11
CA PRO A 296 -7.60 -13.78 35.73
C PRO A 296 -8.16 -12.66 34.86
N LEU A 297 -9.48 -12.68 34.68
CA LEU A 297 -10.14 -11.66 33.90
C LEU A 297 -10.31 -10.40 34.73
N THR A 298 -9.83 -9.28 34.20
CA THR A 298 -10.12 -7.99 34.82
C THR A 298 -11.63 -7.75 34.82
N GLU A 299 -12.06 -6.87 35.72
CA GLU A 299 -13.47 -6.48 35.70
C GLU A 299 -13.83 -5.79 34.39
N GLU A 300 -12.85 -5.13 33.77
CA GLU A 300 -13.17 -4.48 32.50
C GLU A 300 -13.35 -5.52 31.40
N ALA A 301 -12.63 -6.64 31.43
CA ALA A 301 -12.85 -7.70 30.45
C ALA A 301 -14.16 -8.43 30.72
N GLU A 302 -14.55 -8.56 31.99
CA GLU A 302 -15.82 -9.20 32.30
C GLU A 302 -17.00 -8.40 31.76
N LEU A 303 -16.93 -7.07 31.89
CA LEU A 303 -17.98 -6.21 31.35
C LEU A 303 -18.02 -6.29 29.83
N GLU A 304 -16.87 -6.23 29.19
CA GLU A 304 -16.90 -6.29 27.72
C GLU A 304 -17.42 -7.67 27.30
N LEU A 305 -16.99 -8.74 27.96
CA LEU A 305 -17.53 -10.06 27.61
C LEU A 305 -19.04 -10.11 27.78
N ALA A 306 -19.55 -9.58 28.89
CA ALA A 306 -20.99 -9.56 29.11
C ALA A 306 -21.71 -8.77 28.03
N GLU A 307 -21.13 -7.63 27.62
CA GLU A 307 -21.73 -6.85 26.56
C GLU A 307 -21.78 -7.63 25.26
N ASN A 308 -20.72 -8.39 24.95
CA ASN A 308 -20.71 -9.18 23.73
C ASN A 308 -21.75 -10.29 23.76
N ARG A 309 -21.89 -10.97 24.91
CA ARG A 309 -22.91 -12.01 25.04
C ARG A 309 -24.29 -11.49 24.68
N GLU A 310 -24.60 -10.27 25.14
CA GLU A 310 -25.91 -9.70 24.83
C GLU A 310 -26.06 -9.43 23.34
N ILE A 311 -25.03 -8.89 22.70
CA ILE A 311 -25.07 -8.65 21.25
C ILE A 311 -25.31 -9.94 20.49
N LEU A 312 -24.75 -11.05 20.97
CA LEU A 312 -24.81 -12.33 20.29
C LEU A 312 -26.02 -13.18 20.71
N LYS A 313 -26.96 -12.60 21.45
CA LYS A 313 -28.14 -13.26 22.00
C LYS A 313 -28.96 -13.97 20.93
N GLU A 314 -29.22 -13.30 19.82
CA GLU A 314 -30.11 -13.78 18.79
C GLU A 314 -29.51 -13.49 17.42
N PRO A 315 -29.93 -14.23 16.38
CA PRO A 315 -29.24 -14.12 15.09
C PRO A 315 -29.45 -12.77 14.42
N VAL A 316 -28.41 -12.31 13.72
CA VAL A 316 -28.43 -11.13 12.89
C VAL A 316 -27.97 -11.53 11.50
N HIS A 317 -28.62 -10.98 10.46
CA HIS A 317 -28.28 -11.31 9.09
C HIS A 317 -27.92 -10.04 8.32
N GLY A 318 -27.08 -10.20 7.29
CA GLY A 318 -26.82 -9.14 6.35
C GLY A 318 -27.58 -9.33 5.06
N VAL A 319 -27.77 -8.24 4.33
CA VAL A 319 -28.38 -8.30 3.01
C VAL A 319 -27.27 -8.33 1.96
N TYR A 320 -27.66 -8.61 0.71
CA TYR A 320 -26.72 -8.65 -0.38
C TYR A 320 -26.61 -7.28 -1.05
N TYR A 321 -25.70 -7.16 -2.01
CA TYR A 321 -25.35 -5.90 -2.63
C TYR A 321 -26.26 -5.61 -3.83
N ASP A 322 -26.76 -4.38 -3.89
CA ASP A 322 -27.52 -3.86 -5.03
C ASP A 322 -26.65 -2.87 -5.77
N PRO A 323 -26.06 -3.24 -6.92
CA PRO A 323 -25.13 -2.34 -7.61
C PRO A 323 -25.75 -1.04 -8.08
N SER A 324 -27.07 -0.94 -8.11
CA SER A 324 -27.74 0.29 -8.55
C SER A 324 -27.84 1.35 -7.45
N LYS A 325 -27.28 1.10 -6.27
CA LYS A 325 -27.45 2.01 -5.14
C LYS A 325 -26.10 2.35 -4.53
N ASP A 326 -26.01 3.56 -3.98
CA ASP A 326 -24.82 3.98 -3.27
C ASP A 326 -24.61 3.13 -2.03
N LEU A 327 -23.38 3.11 -1.55
CA LEU A 327 -23.02 2.52 -0.28
C LEU A 327 -22.84 3.64 0.74
N ILE A 328 -23.33 3.38 1.93
CA ILE A 328 -23.20 4.32 3.06
C ILE A 328 -22.44 3.62 4.18
N ALA A 329 -21.39 4.27 4.69
CA ALA A 329 -20.63 3.74 5.82
C ALA A 329 -20.75 4.72 6.99
N GLU A 330 -21.20 4.22 8.13
CA GLU A 330 -21.37 5.02 9.33
C GLU A 330 -20.46 4.49 10.42
N ILE A 331 -19.80 5.39 11.15
CA ILE A 331 -18.77 5.04 12.12
C ILE A 331 -19.11 5.63 13.47
N GLN A 332 -18.89 4.88 14.54
CA GLN A 332 -19.05 5.38 15.91
C GLN A 332 -17.79 5.13 16.71
N LYS A 333 -17.45 6.07 17.57
CA LYS A 333 -16.37 5.88 18.54
C LYS A 333 -16.89 5.09 19.73
N GLN A 334 -16.12 4.09 20.16
CA GLN A 334 -16.52 3.23 21.27
C GLN A 334 -15.71 3.44 22.54
N GLY A 335 -14.59 4.15 22.47
CA GLY A 335 -13.75 4.31 23.63
C GLY A 335 -12.57 3.35 23.63
N GLN A 336 -11.50 3.75 24.31
CA GLN A 336 -10.29 2.94 24.46
C GLN A 336 -9.74 2.49 23.11
N GLY A 337 -9.75 3.41 22.15
CA GLY A 337 -9.20 3.16 20.83
C GLY A 337 -10.04 2.31 19.93
N GLN A 338 -11.27 1.99 20.32
CA GLN A 338 -12.15 1.12 19.56
C GLN A 338 -13.14 1.93 18.73
N TRP A 339 -13.36 1.49 17.49
CA TRP A 339 -14.30 2.10 16.57
C TRP A 339 -15.12 1.00 15.92
N THR A 340 -16.40 1.27 15.67
CA THR A 340 -17.26 0.30 15.01
C THR A 340 -17.98 0.97 13.85
N TYR A 341 -18.35 0.18 12.84
CA TYR A 341 -18.97 0.75 11.65
C TYR A 341 -20.02 -0.19 11.08
N GLN A 342 -20.93 0.41 10.30
CA GLN A 342 -21.95 -0.33 9.57
C GLN A 342 -21.95 0.16 8.13
N ILE A 343 -22.15 -0.75 7.19
CA ILE A 343 -22.25 -0.42 5.77
C ILE A 343 -23.62 -0.88 5.28
N TYR A 344 -24.39 0.05 4.71
CA TYR A 344 -25.74 -0.25 4.27
C TYR A 344 -26.05 0.53 3.00
N GLN A 345 -27.13 0.14 2.35
CA GLN A 345 -27.66 0.87 1.21
C GLN A 345 -29.04 1.45 1.47
N GLU A 346 -29.90 0.71 2.15
CA GLU A 346 -31.12 1.32 2.67
C GLU A 346 -31.09 1.27 4.20
N PRO A 347 -31.70 2.27 4.86
CA PRO A 347 -31.60 2.34 6.32
C PRO A 347 -32.03 1.06 7.00
N PHE A 348 -31.31 0.69 8.05
CA PHE A 348 -31.57 -0.45 8.92
C PHE A 348 -31.38 -1.80 8.23
N LYS A 349 -30.72 -1.84 7.07
CA LYS A 349 -30.46 -3.09 6.38
C LYS A 349 -28.96 -3.16 6.05
N ASN A 350 -28.17 -3.56 7.04
CA ASN A 350 -26.73 -3.61 6.87
C ASN A 350 -26.32 -4.69 5.87
N LEU A 351 -25.39 -4.34 4.99
CA LEU A 351 -24.67 -5.34 4.21
C LEU A 351 -23.62 -6.03 5.05
N LYS A 352 -22.91 -5.27 5.88
CA LYS A 352 -21.92 -5.83 6.79
C LYS A 352 -21.57 -4.79 7.84
N THR A 353 -20.88 -5.24 8.88
CA THR A 353 -20.36 -4.38 9.94
C THR A 353 -18.88 -4.67 10.09
N GLY A 354 -18.26 -4.00 11.05
CA GLY A 354 -16.85 -4.23 11.31
C GLY A 354 -16.35 -3.29 12.39
N LYS A 355 -15.06 -3.41 12.67
CA LYS A 355 -14.45 -2.62 13.73
C LYS A 355 -13.04 -2.21 13.34
N TYR A 356 -12.51 -1.23 14.07
CA TYR A 356 -11.14 -0.76 13.92
C TYR A 356 -10.56 -0.53 15.31
N ALA A 357 -9.26 -0.77 15.45
CA ALA A 357 -8.59 -0.59 16.73
C ALA A 357 -7.39 0.33 16.58
N ARG A 358 -7.23 1.23 17.55
CA ARG A 358 -6.04 2.09 17.66
C ARG A 358 -4.76 1.30 17.45
N MET A 359 -3.88 1.84 16.62
CA MET A 359 -2.59 1.20 16.36
C MET A 359 -1.67 1.35 17.56
N ARG A 360 -0.71 0.43 17.67
N ARG A 360 -0.67 0.48 17.60
CA ARG A 360 0.35 0.58 18.66
CA ARG A 360 0.35 0.57 18.67
C ARG A 360 1.07 1.90 18.45
C ARG A 360 1.13 1.85 18.47
N GLY A 361 1.41 2.56 19.56
CA GLY A 361 2.06 3.86 19.46
C GLY A 361 2.05 4.66 20.74
N ALA A 362 3.05 5.51 20.94
CA ALA A 362 3.15 6.24 22.23
C ALA A 362 2.02 7.28 22.38
N HIS A 363 1.73 8.05 21.34
CA HIS A 363 0.74 9.11 21.44
C HIS A 363 -0.23 9.03 20.27
N THR A 364 -1.43 9.57 20.46
CA THR A 364 -2.51 9.38 19.51
C THR A 364 -3.55 10.47 19.73
N ASN A 365 -4.49 10.58 18.79
CA ASN A 365 -5.66 11.40 18.99
C ASN A 365 -6.82 10.84 18.18
N ASP A 366 -8.03 11.27 18.54
CA ASP A 366 -9.24 10.69 17.95
C ASP A 366 -9.34 10.96 16.46
N VAL A 367 -8.90 12.14 16.00
CA VAL A 367 -9.03 12.48 14.59
C VAL A 367 -8.17 11.56 13.73
N LYS A 368 -6.94 11.33 14.15
CA LYS A 368 -6.06 10.40 13.43
C LYS A 368 -6.66 9.00 13.38
N GLN A 369 -7.21 8.53 14.50
CA GLN A 369 -7.81 7.20 14.51
C GLN A 369 -9.01 7.12 13.58
N LEU A 370 -9.89 8.14 13.62
CA LEU A 370 -11.02 8.19 12.70
C LEU A 370 -10.54 8.19 11.26
N THR A 371 -9.47 8.93 10.96
CA THR A 371 -8.93 8.96 9.61
C THR A 371 -8.46 7.57 9.18
N GLU A 372 -7.77 6.86 10.07
CA GLU A 372 -7.30 5.51 9.73
C GLU A 372 -8.46 4.57 9.53
N ALA A 373 -9.50 4.67 10.36
CA ALA A 373 -10.68 3.83 10.21
C ALA A 373 -11.33 4.06 8.84
N VAL A 374 -11.41 5.33 8.42
CA VAL A 374 -11.97 5.64 7.10
C VAL A 374 -11.17 4.97 5.99
N GLN A 375 -9.84 4.98 6.12
N GLN A 375 -9.84 5.00 6.09
CA GLN A 375 -8.98 4.39 5.06
CA GLN A 375 -9.03 4.40 5.03
C GLN A 375 -9.16 2.88 5.02
C GLN A 375 -9.14 2.89 5.01
N LYS A 376 -9.31 2.25 6.19
CA LYS A 376 -9.51 0.81 6.23
C LYS A 376 -10.85 0.42 5.62
N ILE A 377 -11.90 1.18 5.91
CA ILE A 377 -13.20 0.89 5.32
C ILE A 377 -13.17 1.14 3.82
N THR A 378 -12.50 2.22 3.40
CA THR A 378 -12.38 2.51 1.97
C THR A 378 -11.73 1.35 1.23
N THR A 379 -10.62 0.84 1.77
CA THR A 379 -9.89 -0.23 1.10
C THR A 379 -10.72 -1.50 1.04
N GLU A 380 -11.32 -1.90 2.16
CA GLU A 380 -12.21 -3.07 2.17
C GLU A 380 -13.37 -2.89 1.19
N SER A 381 -13.90 -1.68 1.08
CA SER A 381 -15.04 -1.46 0.20
C SER A 381 -14.64 -1.56 -1.27
N ILE A 382 -13.43 -1.11 -1.62
CA ILE A 382 -12.95 -1.29 -2.99
C ILE A 382 -12.86 -2.78 -3.32
N VAL A 383 -12.35 -3.58 -2.37
CA VAL A 383 -12.24 -5.02 -2.59
C VAL A 383 -13.61 -5.64 -2.81
N ILE A 384 -14.58 -5.31 -1.97
CA ILE A 384 -15.83 -6.04 -1.93
C ILE A 384 -16.81 -5.53 -2.99
N TRP A 385 -16.86 -4.21 -3.19
CA TRP A 385 -17.85 -3.63 -4.10
C TRP A 385 -17.24 -2.82 -5.23
N GLY A 386 -15.93 -2.56 -5.21
CA GLY A 386 -15.33 -1.79 -6.28
C GLY A 386 -15.67 -0.31 -6.24
N LYS A 387 -16.04 0.23 -5.08
CA LYS A 387 -16.29 1.67 -4.99
C LYS A 387 -16.21 2.11 -3.53
N THR A 388 -15.94 3.40 -3.35
CA THR A 388 -15.86 4.01 -2.03
C THR A 388 -17.27 4.30 -1.52
N PRO A 389 -17.59 3.94 -0.28
CA PRO A 389 -18.88 4.35 0.27
C PRO A 389 -18.87 5.82 0.63
N LYS A 390 -20.07 6.36 0.83
N LYS A 390 -20.07 6.36 0.83
CA LYS A 390 -20.18 7.76 1.28
CA LYS A 390 -20.19 7.76 1.28
C LYS A 390 -20.16 7.62 2.79
C LYS A 390 -20.15 7.61 2.80
N PHE A 391 -19.46 8.52 3.49
CA PHE A 391 -19.31 8.35 4.95
C PHE A 391 -20.20 9.23 5.82
N LYS A 392 -20.67 8.67 6.93
CA LYS A 392 -21.41 9.42 7.96
C LYS A 392 -20.47 9.37 9.18
N LEU A 393 -19.95 10.51 9.60
CA LEU A 393 -18.89 10.55 10.60
C LEU A 393 -19.26 11.43 11.77
N PRO A 394 -18.91 11.03 13.00
CA PRO A 394 -19.23 11.84 14.21
C PRO A 394 -18.19 12.93 14.46
N ILE A 395 -17.99 13.79 13.47
CA ILE A 395 -17.06 14.91 13.56
C ILE A 395 -17.64 16.07 12.77
N GLN A 396 -17.65 17.26 13.36
CA GLN A 396 -18.24 18.40 12.67
C GLN A 396 -17.36 18.82 11.50
N LYS A 397 -18.01 19.33 10.45
CA LYS A 397 -17.28 19.78 9.27
C LYS A 397 -16.25 20.85 9.62
N GLU A 398 -16.58 21.74 10.55
CA GLU A 398 -15.64 22.79 10.95
C GLU A 398 -14.45 22.21 11.69
N THR A 399 -14.68 21.18 12.52
CA THR A 399 -13.58 20.51 13.21
C THR A 399 -12.61 19.90 12.23
N TRP A 400 -13.14 19.21 11.21
CA TRP A 400 -12.27 18.59 10.21
C TRP A 400 -11.47 19.63 9.45
N GLU A 401 -12.11 20.72 9.07
CA GLU A 401 -11.40 21.77 8.29
C GLU A 401 -10.25 22.32 9.12
N THR A 402 -10.53 22.66 10.36
CA THR A 402 -9.46 23.17 11.22
C THR A 402 -8.31 22.17 11.34
N TRP A 403 -8.64 20.89 11.46
CA TRP A 403 -7.60 19.87 11.64
C TRP A 403 -6.70 19.77 10.41
N TRP A 404 -7.28 19.49 9.24
CA TRP A 404 -6.43 19.14 8.10
C TRP A 404 -5.70 20.35 7.54
N THR A 405 -6.28 21.56 7.64
CA THR A 405 -5.59 22.72 7.13
C THR A 405 -4.34 23.05 7.95
N GLU A 406 -4.34 22.71 9.24
CA GLU A 406 -3.23 23.04 10.13
C GLU A 406 -2.31 21.87 10.42
N TYR A 407 -2.70 20.64 10.08
CA TYR A 407 -1.88 19.48 10.41
C TYR A 407 -0.63 19.45 9.55
N TRP A 408 0.50 19.08 10.15
CA TRP A 408 1.77 19.14 9.41
C TRP A 408 1.82 18.10 8.29
N GLN A 409 1.03 17.04 8.36
CA GLN A 409 0.99 16.06 7.28
C GLN A 409 -0.13 16.36 6.29
N ALA A 410 0.06 15.88 5.06
CA ALA A 410 -1.05 15.79 4.14
C ALA A 410 -2.04 14.74 4.65
N THR A 411 -3.33 15.05 4.56
CA THR A 411 -4.35 14.11 4.99
C THR A 411 -5.64 14.42 4.25
N TRP A 412 -6.49 13.40 4.13
CA TRP A 412 -7.68 13.48 3.30
C TRP A 412 -8.66 12.39 3.70
N ILE A 413 -9.95 12.72 3.69
CA ILE A 413 -10.96 11.67 3.77
C ILE A 413 -12.00 11.95 2.69
N PRO A 414 -12.54 10.92 2.05
CA PRO A 414 -13.42 11.12 0.91
C PRO A 414 -14.79 11.67 1.31
N GLU A 415 -15.64 11.88 0.32
CA GLU A 415 -17.00 12.46 0.52
C GLU A 415 -17.67 11.96 1.78
N TRP A 416 -17.99 12.90 2.65
CA TRP A 416 -18.58 12.53 3.95
C TRP A 416 -19.57 13.57 4.46
N GLU A 417 -20.37 13.16 5.42
CA GLU A 417 -21.34 14.07 6.06
C GLU A 417 -21.31 13.88 7.58
N PHE A 418 -21.51 14.96 8.32
CA PHE A 418 -21.55 14.91 9.77
C PHE A 418 -22.82 14.19 10.23
N VAL A 419 -22.67 13.31 11.21
CA VAL A 419 -23.79 12.67 11.87
C VAL A 419 -23.68 12.95 13.36
N ASN A 420 -24.74 13.49 13.95
CA ASN A 420 -24.70 13.99 15.32
C ASN A 420 -25.13 12.88 16.27
N THR A 421 -24.23 11.92 16.47
CA THR A 421 -24.44 10.82 17.40
C THR A 421 -23.25 10.75 18.34
N PRO A 422 -23.40 11.19 19.59
CA PRO A 422 -22.29 11.21 20.54
C PRO A 422 -21.71 9.82 20.74
N PRO A 423 -20.43 9.72 21.14
CA PRO A 423 -19.55 10.87 21.40
C PRO A 423 -18.93 11.44 20.13
N LEU A 424 -18.89 12.77 20.02
CA LEU A 424 -18.34 13.42 18.84
C LEU A 424 -16.82 13.53 18.97
N VAL A 425 -16.15 13.39 17.84
CA VAL A 425 -14.71 13.64 17.75
C VAL A 425 -14.50 15.14 17.65
N LYS A 426 -13.65 15.68 18.52
CA LYS A 426 -13.40 17.12 18.53
C LYS A 426 -11.92 17.38 18.77
N LEU A 427 -11.52 18.63 18.55
CA LEU A 427 -10.16 19.08 18.87
C LEU A 427 -10.17 19.61 20.31
N TRP A 428 -9.31 19.05 21.15
CA TRP A 428 -9.30 19.42 22.56
C TRP A 428 -8.46 20.65 22.84
N TYR A 429 -7.50 20.97 21.98
CA TYR A 429 -6.71 22.19 22.11
C TYR A 429 -6.15 22.53 20.74
N GLN A 430 -5.78 23.79 20.57
CA GLN A 430 -5.09 24.25 19.34
C GLN A 430 -4.14 25.36 19.76
N LEU A 431 -2.88 25.27 19.37
CA LEU A 431 -1.88 26.26 19.75
C LEU A 431 -1.97 27.50 18.88
N GLU A 432 -1.51 28.62 19.43
CA GLU A 432 -1.51 29.87 18.69
C GLU A 432 -0.45 29.86 17.61
N LYS A 433 -0.69 30.64 16.56
CA LYS A 433 0.29 30.79 15.49
C LYS A 433 1.23 31.96 15.73
N GLU A 434 0.88 32.88 16.63
CA GLU A 434 1.71 34.04 16.94
C GLU A 434 1.78 34.23 18.44
N PRO A 435 2.86 34.84 18.94
CA PRO A 435 2.95 35.12 20.38
C PRO A 435 1.79 35.99 20.84
N ILE A 436 1.40 35.81 22.10
CA ILE A 436 0.22 36.44 22.67
C ILE A 436 0.64 37.71 23.39
N VAL A 437 0.08 38.85 22.96
CA VAL A 437 0.34 40.11 23.63
C VAL A 437 -0.35 40.11 24.99
N GLY A 438 0.36 40.58 26.02
CA GLY A 438 -0.20 40.67 27.34
C GLY A 438 -0.17 39.40 28.15
N ALA A 439 0.17 38.27 27.54
CA ALA A 439 0.31 37.01 28.26
C ALA A 439 1.72 36.86 28.78
N GLU A 440 1.84 36.39 30.03
CA GLU A 440 3.14 36.14 30.63
C GLU A 440 3.96 35.16 29.79
N THR A 441 5.26 35.38 29.73
CA THR A 441 6.17 34.54 28.95
C THR A 441 6.99 33.67 29.92
N PHE A 442 6.86 32.35 29.78
CA PHE A 442 7.57 31.38 30.60
C PHE A 442 8.73 30.80 29.80
N TYR A 443 9.96 31.04 30.25
CA TYR A 443 11.15 30.39 29.69
C TYR A 443 11.43 29.15 30.51
N VAL A 444 11.29 27.97 29.91
CA VAL A 444 11.36 26.72 30.65
C VAL A 444 12.65 25.99 30.29
N ASP A 445 13.11 25.15 31.20
CA ASP A 445 14.22 24.25 30.91
C ASP A 445 14.27 23.14 31.95
N GLY A 446 14.86 22.02 31.52
CA GLY A 446 15.12 20.89 32.40
C GLY A 446 16.37 20.18 31.96
N ALA A 447 16.97 19.45 32.90
CA ALA A 447 18.16 18.68 32.60
C ALA A 447 18.33 17.62 33.67
N ALA A 448 19.03 16.56 33.32
CA ALA A 448 19.28 15.45 34.23
C ALA A 448 20.69 14.95 34.03
N ASN A 449 21.34 14.55 35.12
CA ASN A 449 22.59 13.82 35.03
C ASN A 449 22.27 12.36 34.72
N ARG A 450 22.87 11.83 33.66
CA ARG A 450 22.52 10.51 33.16
C ARG A 450 23.10 9.36 33.99
N GLU A 451 24.12 9.65 34.81
CA GLU A 451 24.59 8.66 35.77
C GLU A 451 23.66 8.65 37.00
N THR A 452 23.50 9.82 37.63
CA THR A 452 22.74 9.94 38.86
C THR A 452 21.24 9.70 38.68
N LYS A 453 20.71 9.89 37.47
CA LYS A 453 19.27 10.04 37.23
C LYS A 453 18.66 11.18 38.05
N LEU A 454 19.50 12.09 38.56
CA LEU A 454 19.02 13.27 39.27
C LEU A 454 18.87 14.43 38.31
N GLY A 455 17.78 15.20 38.45
CA GLY A 455 17.48 16.25 37.51
C GLY A 455 16.82 17.46 38.17
N LYS A 456 16.54 18.44 37.33
CA LYS A 456 15.82 19.65 37.71
C LYS A 456 14.96 20.09 36.55
N ALA A 457 13.83 20.70 36.86
CA ALA A 457 12.96 21.30 35.86
C ALA A 457 12.42 22.61 36.42
N GLY A 458 12.23 23.59 35.54
CA GLY A 458 11.75 24.87 36.04
C GLY A 458 11.55 25.90 34.95
N TYR A 459 11.31 27.14 35.40
CA TYR A 459 11.01 28.24 34.50
C TYR A 459 11.37 29.55 35.16
N VAL A 460 11.43 30.60 34.34
CA VAL A 460 11.61 32.02 34.77
C VAL A 460 10.71 32.82 33.81
N THR A 461 9.98 33.81 34.30
CA THR A 461 9.08 34.59 33.44
C THR A 461 9.47 36.06 33.41
N ASN A 462 8.82 36.78 32.50
CA ASN A 462 9.05 38.24 32.32
C ASN A 462 8.58 39.04 33.53
N LYS A 463 7.72 38.44 34.34
CA LYS A 463 7.26 39.12 35.55
C LYS A 463 8.08 38.72 36.77
N GLY A 464 9.16 37.98 36.57
CA GLY A 464 9.98 37.54 37.69
C GLY A 464 9.49 36.32 38.41
N ARG A 465 8.38 35.71 37.98
CA ARG A 465 7.97 34.43 38.55
C ARG A 465 9.03 33.38 38.20
N GLN A 466 9.33 32.52 39.18
CA GLN A 466 10.37 31.52 39.00
C GLN A 466 9.98 30.25 39.76
N LYS A 467 10.47 29.12 39.26
CA LYS A 467 10.35 27.86 39.99
C LYS A 467 11.40 26.89 39.47
N VAL A 468 12.03 26.17 40.39
CA VAL A 468 12.87 25.02 40.08
C VAL A 468 12.48 23.89 41.01
N VAL A 469 12.31 22.70 40.47
CA VAL A 469 11.90 21.52 41.22
C VAL A 469 12.97 20.47 41.08
N PRO A 470 13.50 19.90 42.17
CA PRO A 470 14.44 18.80 42.05
C PRO A 470 13.73 17.49 41.78
N LEU A 471 14.33 16.68 40.92
CA LEU A 471 13.71 15.44 40.45
C LEU A 471 14.69 14.28 40.58
N THR A 472 14.14 13.11 40.87
CA THR A 472 14.92 11.88 41.01
C THR A 472 14.42 10.85 40.00
N ASN A 473 15.31 9.93 39.62
CA ASN A 473 14.98 8.84 38.70
C ASN A 473 14.33 9.39 37.43
N THR A 474 15.06 10.27 36.76
CA THR A 474 14.53 11.00 35.63
C THR A 474 15.58 11.04 34.52
N THR A 475 15.18 11.59 33.37
CA THR A 475 16.02 11.71 32.19
C THR A 475 15.90 13.11 31.63
N ASN A 476 16.82 13.45 30.72
CA ASN A 476 16.76 14.75 30.04
C ASN A 476 15.40 14.98 29.40
N GLN A 477 14.89 13.97 28.69
CA GLN A 477 13.61 14.12 28.01
C GLN A 477 12.46 14.32 29.00
N LYS A 478 12.48 13.56 30.10
CA LYS A 478 11.42 13.71 31.10
C LYS A 478 11.44 15.07 31.76
N THR A 479 12.64 15.59 32.06
CA THR A 479 12.73 16.91 32.70
C THR A 479 12.29 18.02 31.74
N GLU A 480 12.52 17.84 30.44
CA GLU A 480 12.07 18.85 29.48
C GLU A 480 10.56 18.91 29.42
N LEU A 481 9.89 17.76 29.51
CA LEU A 481 8.43 17.75 29.57
C LEU A 481 7.93 18.30 30.90
N GLN A 482 8.62 17.99 32.00
CA GLN A 482 8.20 18.48 33.32
CA GLN A 482 8.18 18.49 33.30
C GLN A 482 8.25 20.00 33.38
N ALA A 483 9.27 20.59 32.76
CA ALA A 483 9.38 22.05 32.75
C ALA A 483 8.19 22.69 32.05
N ILE A 484 7.78 22.13 30.91
CA ILE A 484 6.60 22.66 30.21
C ILE A 484 5.36 22.48 31.06
N TYR A 485 5.24 21.33 31.73
CA TYR A 485 4.09 21.08 32.59
C TYR A 485 4.02 22.11 33.71
N LEU A 486 5.16 22.39 34.35
CA LEU A 486 5.16 23.38 35.43
C LEU A 486 4.69 24.74 34.92
N ALA A 487 5.15 25.14 33.73
CA ALA A 487 4.76 26.44 33.19
C ALA A 487 3.25 26.49 32.93
N LEU A 488 2.68 25.40 32.41
CA LEU A 488 1.24 25.33 32.22
C LEU A 488 0.51 25.38 33.56
N GLN A 489 1.00 24.65 34.55
CA GLN A 489 0.30 24.60 35.85
C GLN A 489 0.32 25.96 36.56
N ASP A 490 1.36 26.76 36.38
CA ASP A 490 1.51 27.99 37.16
C ASP A 490 1.11 29.25 36.41
N SER A 491 0.60 29.14 35.19
CA SER A 491 0.26 30.30 34.40
C SER A 491 -1.25 30.53 34.40
N GLY A 492 -1.64 31.71 33.91
CA GLY A 492 -3.04 32.02 33.70
C GLY A 492 -3.57 31.38 32.42
N LEU A 493 -4.72 31.88 31.99
CA LEU A 493 -5.44 31.25 30.88
C LEU A 493 -4.77 31.46 29.53
N GLU A 494 -3.91 32.47 29.41
CA GLU A 494 -3.12 32.71 28.21
C GLU A 494 -1.65 32.70 28.60
N VAL A 495 -0.81 32.04 27.80
CA VAL A 495 0.58 31.86 28.20
C VAL A 495 1.44 31.68 26.95
N ASN A 496 2.61 32.33 26.95
CA ASN A 496 3.68 32.06 25.99
C ASN A 496 4.73 31.20 26.68
N ILE A 497 5.12 30.11 26.04
CA ILE A 497 6.11 29.18 26.58
C ILE A 497 7.26 29.05 25.60
N VAL A 498 8.48 29.26 26.10
CA VAL A 498 9.69 29.16 25.31
C VAL A 498 10.48 27.96 25.80
N THR A 499 10.80 27.04 24.90
CA THR A 499 11.56 25.84 25.24
C THR A 499 12.62 25.58 24.18
N ASP A 500 13.67 24.86 24.57
CA ASP A 500 14.67 24.41 23.61
C ASP A 500 14.55 22.92 23.30
N SER A 501 13.49 22.27 23.76
CA SER A 501 13.36 20.82 23.66
C SER A 501 12.80 20.45 22.28
N GLN A 502 13.66 19.95 21.40
CA GLN A 502 13.16 19.41 20.14
C GLN A 502 12.27 18.20 20.38
N TYR A 503 12.57 17.43 21.42
CA TYR A 503 11.76 16.27 21.77
C TYR A 503 10.33 16.68 22.12
N ALA A 504 10.18 17.67 23.00
CA ALA A 504 8.84 18.08 23.42
C ALA A 504 8.02 18.64 22.26
N LEU A 505 8.65 19.42 21.38
CA LEU A 505 7.89 19.98 20.25
C LEU A 505 7.52 18.91 19.25
N GLY A 506 8.40 17.94 19.02
CA GLY A 506 8.02 16.80 18.20
C GLY A 506 6.75 16.15 18.67
N ILE A 507 6.60 15.99 19.99
CA ILE A 507 5.40 15.39 20.55
C ILE A 507 4.22 16.33 20.39
N ILE A 508 4.37 17.59 20.79
CA ILE A 508 3.24 18.51 20.78
C ILE A 508 2.82 18.82 19.35
N GLN A 509 3.76 18.89 18.41
CA GLN A 509 3.37 19.16 17.03
C GLN A 509 2.59 18.00 16.42
N ALA A 510 2.63 16.81 17.03
CA ALA A 510 1.80 15.68 16.61
C ALA A 510 0.37 15.75 17.18
N GLN A 511 0.07 16.80 17.93
CA GLN A 511 -1.31 17.05 18.43
C GLN A 511 -1.91 15.82 19.17
N PRO A 512 -1.27 15.17 20.17
CA PRO A 512 -1.94 14.06 20.85
C PRO A 512 -3.03 14.55 21.79
N ASP A 513 -4.07 13.72 21.96
CA ASP A 513 -5.04 13.92 23.03
C ASP A 513 -4.99 12.81 24.07
N LYS A 514 -4.15 11.81 23.87
CA LYS A 514 -3.98 10.70 24.79
C LYS A 514 -2.59 10.14 24.61
N SER A 515 -1.99 9.66 25.70
CA SER A 515 -0.61 9.19 25.61
C SER A 515 -0.40 8.05 26.59
N GLU A 516 0.61 7.23 26.27
CA GLU A 516 1.10 6.22 27.21
C GLU A 516 2.01 6.82 28.27
N SER A 517 2.45 8.06 28.08
CA SER A 517 3.23 8.78 29.09
C SER A 517 2.30 9.62 29.95
N GLU A 518 2.28 9.35 31.25
CA GLU A 518 1.44 10.13 32.15
C GLU A 518 1.84 11.60 32.17
N LEU A 519 3.12 11.89 31.91
CA LEU A 519 3.57 13.26 31.85
C LEU A 519 2.97 13.99 30.65
N VAL A 520 2.96 13.35 29.48
CA VAL A 520 2.30 13.94 28.32
C VAL A 520 0.81 14.12 28.59
N ASN A 521 0.19 13.12 29.23
CA ASN A 521 -1.23 13.23 29.58
C ASN A 521 -1.49 14.41 30.51
N GLN A 522 -0.60 14.64 31.48
CA GLN A 522 -0.77 15.79 32.36
C GLN A 522 -0.63 17.09 31.58
N ILE A 523 0.29 17.14 30.62
CA ILE A 523 0.42 18.32 29.78
C ILE A 523 -0.85 18.54 28.96
N ILE A 524 -1.39 17.48 28.38
CA ILE A 524 -2.64 17.58 27.62
C ILE A 524 -3.75 18.12 28.50
N GLU A 525 -3.87 17.61 29.72
CA GLU A 525 -4.93 18.08 30.65
C GLU A 525 -4.78 19.57 30.90
N GLN A 526 -3.55 20.04 31.05
CA GLN A 526 -3.35 21.47 31.27
C GLN A 526 -3.69 22.28 30.02
N LEU A 527 -3.27 21.80 28.84
CA LEU A 527 -3.55 22.53 27.61
C LEU A 527 -5.05 22.72 27.39
N ILE A 528 -5.84 21.72 27.75
CA ILE A 528 -7.29 21.78 27.53
C ILE A 528 -7.91 22.90 28.37
N LYS A 529 -7.32 23.21 29.52
CA LYS A 529 -7.88 24.25 30.38
C LYS A 529 -7.51 25.67 29.96
N LYS A 530 -6.54 25.83 29.05
CA LYS A 530 -6.10 27.17 28.67
C LYS A 530 -7.03 27.77 27.62
N GLU A 531 -7.00 29.10 27.53
CA GLU A 531 -7.63 29.81 26.42
C GLU A 531 -6.69 29.92 25.22
N LYS A 532 -5.46 30.33 25.49
CA LYS A 532 -4.46 30.52 24.42
C LYS A 532 -3.07 30.07 24.87
N VAL A 533 -2.41 29.25 24.05
CA VAL A 533 -1.05 28.81 24.33
C VAL A 533 -0.21 29.03 23.08
N TYR A 534 0.87 29.79 23.21
CA TYR A 534 1.87 29.90 22.15
C TYR A 534 3.15 29.20 22.61
N LEU A 535 3.63 28.28 21.80
CA LEU A 535 4.82 27.49 22.10
C LEU A 535 5.93 27.91 21.16
N ALA A 536 7.02 28.41 21.70
CA ALA A 536 8.15 28.90 20.91
C ALA A 536 9.37 28.02 21.15
N TRP A 537 10.09 27.68 20.10
CA TRP A 537 11.31 26.90 20.21
C TRP A 537 12.52 27.77 19.95
N VAL A 538 13.58 27.56 20.74
CA VAL A 538 14.87 28.21 20.53
C VAL A 538 15.95 27.14 20.61
N PRO A 539 17.09 27.31 19.94
CA PRO A 539 18.18 26.34 20.10
C PRO A 539 18.90 26.53 21.44
N ALA A 540 19.40 25.41 21.95
CA ALA A 540 20.01 25.40 23.27
C ALA A 540 21.44 25.94 23.23
N HIS A 541 21.93 26.36 24.40
CA HIS A 541 23.31 26.76 24.69
C HIS A 541 23.82 27.77 23.67
N LYS A 542 23.00 28.78 23.36
CA LYS A 542 23.46 29.83 22.42
C LYS A 542 23.69 31.15 23.14
N GLY A 543 23.25 31.29 24.41
CA GLY A 543 23.28 32.60 25.01
C GLY A 543 21.94 33.31 24.96
N ILE A 544 20.89 32.63 24.52
CA ILE A 544 19.53 33.17 24.55
C ILE A 544 19.12 33.33 26.01
N GLY A 545 19.10 34.56 26.50
CA GLY A 545 18.65 34.80 27.85
C GLY A 545 17.22 34.39 28.07
N GLY A 546 16.85 34.28 29.34
CA GLY A 546 15.65 33.56 29.69
C GLY A 546 15.95 32.09 29.71
N ASN A 547 16.21 31.52 28.53
CA ASN A 547 16.64 30.12 28.48
C ASN A 547 18.06 29.96 29.00
N GLU A 548 18.92 30.96 28.85
CA GLU A 548 20.27 30.81 29.39
C GLU A 548 20.28 30.94 30.91
N GLN A 549 19.37 31.73 31.47
CA GLN A 549 19.33 31.90 32.92
C GLN A 549 18.83 30.62 33.60
N VAL A 550 17.70 30.08 33.12
CA VAL A 550 17.11 28.93 33.79
C VAL A 550 17.84 27.63 33.41
N ASP A 551 18.58 27.65 32.30
CA ASP A 551 19.37 26.45 31.96
C ASP A 551 20.39 26.33 33.08
N LYS A 552 21.00 27.45 33.42
CA LYS A 552 21.98 27.45 34.49
C LYS A 552 21.36 27.01 35.82
N LEU A 553 20.07 27.30 36.02
CA LEU A 553 19.40 26.91 37.26
C LEU A 553 19.15 25.42 37.31
N VAL A 554 18.83 24.81 36.17
CA VAL A 554 18.39 23.42 36.16
C VAL A 554 19.53 22.43 35.93
N SER A 555 20.59 22.84 35.24
CA SER A 555 21.73 21.95 35.02
C SER A 555 22.73 21.97 36.18
N ALA A 556 22.48 22.78 37.21
CA ALA A 556 23.37 22.86 38.36
C ALA A 556 23.22 21.63 39.24
N ILE B 5 12.38 -6.91 -34.68
CA ILE B 5 11.68 -8.10 -35.16
C ILE B 5 12.42 -9.34 -34.66
N GLU B 6 13.73 -9.22 -34.48
CA GLU B 6 14.23 -10.33 -33.67
C GLU B 6 14.67 -9.79 -32.32
N THR B 7 14.47 -10.71 -31.38
CA THR B 7 14.45 -10.35 -29.98
C THR B 7 15.87 -10.21 -29.43
N VAL B 8 16.06 -9.22 -28.57
CA VAL B 8 17.30 -9.09 -27.83
C VAL B 8 17.24 -10.01 -26.60
N PRO B 9 18.26 -10.84 -26.36
CA PRO B 9 18.25 -11.65 -25.15
C PRO B 9 18.30 -10.77 -23.90
N VAL B 10 17.35 -11.02 -22.99
CA VAL B 10 17.28 -10.28 -21.73
C VAL B 10 17.17 -11.28 -20.59
N LYS B 11 17.79 -10.96 -19.46
CA LYS B 11 17.79 -11.81 -18.28
C LYS B 11 17.67 -10.93 -17.04
N LEU B 12 17.26 -11.52 -15.92
CA LEU B 12 17.24 -10.84 -14.64
C LEU B 12 18.66 -10.74 -14.07
N LYS B 13 18.77 -10.15 -12.89
CA LYS B 13 20.08 -10.12 -12.26
C LYS B 13 20.39 -11.48 -11.65
N PRO B 14 21.67 -11.79 -11.43
CA PRO B 14 22.02 -13.12 -10.89
C PRO B 14 21.38 -13.38 -9.53
N GLY B 15 21.00 -14.64 -9.31
CA GLY B 15 20.38 -15.05 -8.07
C GLY B 15 19.16 -14.24 -7.72
N MET B 16 18.24 -14.12 -8.68
CA MET B 16 17.12 -13.19 -8.55
C MET B 16 15.96 -13.72 -9.39
N ASP B 17 14.84 -14.00 -8.72
CA ASP B 17 13.66 -14.50 -9.45
C ASP B 17 12.78 -13.35 -9.93
N GLY B 18 11.71 -13.69 -10.61
CA GLY B 18 10.79 -12.71 -11.14
C GLY B 18 9.94 -12.07 -10.07
N PRO B 19 9.23 -11.00 -10.43
CA PRO B 19 8.41 -10.29 -9.44
C PRO B 19 7.16 -11.08 -9.06
N LYS B 20 6.80 -11.00 -7.79
CA LYS B 20 5.59 -11.63 -7.26
C LYS B 20 4.88 -10.60 -6.40
N VAL B 21 4.33 -9.56 -7.04
CA VAL B 21 3.74 -8.42 -6.35
C VAL B 21 2.23 -8.53 -6.43
N LYS B 22 1.57 -8.38 -5.28
CA LYS B 22 0.12 -8.49 -5.20
C LYS B 22 -0.57 -7.38 -6.00
N GLN B 23 -1.62 -7.75 -6.71
CA GLN B 23 -2.48 -6.76 -7.36
C GLN B 23 -3.31 -6.04 -6.30
N TRP B 24 -3.25 -4.72 -6.27
CA TRP B 24 -4.01 -3.98 -5.28
C TRP B 24 -5.45 -3.76 -5.76
N PRO B 25 -6.36 -3.42 -4.84
CA PRO B 25 -7.77 -3.34 -5.21
C PRO B 25 -8.05 -2.24 -6.24
N LEU B 26 -8.90 -2.56 -7.21
CA LEU B 26 -9.27 -1.64 -8.27
C LEU B 26 -10.76 -1.35 -8.23
N THR B 27 -11.12 -0.12 -8.60
CA THR B 27 -12.53 0.24 -8.65
C THR B 27 -13.21 -0.42 -9.85
N GLU B 28 -14.54 -0.43 -9.79
CA GLU B 28 -15.34 -0.94 -10.89
C GLU B 28 -14.96 -0.29 -12.21
N GLU B 29 -14.88 1.03 -12.24
CA GLU B 29 -14.60 1.74 -13.51
C GLU B 29 -13.22 1.35 -14.06
N LYS B 30 -12.23 1.16 -13.17
CA LYS B 30 -10.84 0.83 -13.60
C LYS B 30 -10.82 -0.57 -14.20
N ILE B 31 -11.37 -1.55 -13.49
CA ILE B 31 -11.39 -2.96 -13.98
C ILE B 31 -12.02 -2.98 -15.38
N LYS B 32 -13.15 -2.29 -15.56
CA LYS B 32 -13.86 -2.28 -16.84
C LYS B 32 -12.99 -1.69 -17.94
N ALA B 33 -12.41 -0.63 -17.62
CA ALA B 33 -11.52 -0.01 -18.60
C ALA B 33 -10.38 -0.94 -18.98
N LEU B 34 -9.80 -1.64 -17.99
CA LEU B 34 -8.67 -2.53 -18.28
C LEU B 34 -9.13 -3.74 -19.08
N VAL B 35 -10.34 -4.24 -18.81
CA VAL B 35 -10.84 -5.39 -19.58
C VAL B 35 -11.00 -5.01 -21.04
N GLU B 36 -11.54 -3.82 -21.31
CA GLU B 36 -11.70 -3.37 -22.68
C GLU B 36 -10.34 -3.15 -23.35
N ILE B 37 -9.40 -2.55 -22.63
CA ILE B 37 -8.08 -2.29 -23.19
C ILE B 37 -7.37 -3.60 -23.51
N CYS B 38 -7.39 -4.53 -22.57
CA CYS B 38 -6.64 -5.77 -22.74
C CYS B 38 -7.26 -6.68 -23.80
N THR B 39 -8.59 -6.63 -23.96
CA THR B 39 -9.21 -7.36 -25.05
C THR B 39 -8.68 -6.87 -26.39
N GLU B 40 -8.55 -5.55 -26.56
CA GLU B 40 -7.97 -5.01 -27.78
C GLU B 40 -6.51 -5.43 -27.94
N MET B 41 -5.73 -5.31 -26.86
CA MET B 41 -4.31 -5.65 -26.93
C MET B 41 -4.11 -7.11 -27.28
N GLU B 42 -4.97 -8.00 -26.76
CA GLU B 42 -4.85 -9.41 -27.09
C GLU B 42 -5.14 -9.66 -28.57
N LYS B 43 -6.16 -8.99 -29.11
CA LYS B 43 -6.46 -9.14 -30.54
C LYS B 43 -5.31 -8.65 -31.40
N GLU B 44 -4.64 -7.58 -30.99
CA GLU B 44 -3.50 -7.04 -31.72
C GLU B 44 -2.22 -7.83 -31.48
N GLY B 45 -2.27 -8.91 -30.68
CA GLY B 45 -1.10 -9.71 -30.43
C GLY B 45 -0.12 -9.14 -29.45
N LYS B 46 -0.44 -8.02 -28.79
CA LYS B 46 0.49 -7.40 -27.86
C LYS B 46 0.61 -8.19 -26.57
N ILE B 47 -0.45 -8.88 -26.15
CA ILE B 47 -0.45 -9.68 -24.93
C ILE B 47 -1.15 -11.01 -25.20
N SER B 48 -0.86 -11.99 -24.35
CA SER B 48 -1.46 -13.31 -24.46
C SER B 48 -1.91 -13.79 -23.08
N LYS B 49 -2.99 -14.57 -23.06
CA LYS B 49 -3.41 -15.22 -21.82
C LYS B 49 -2.35 -16.22 -21.39
N ILE B 50 -2.20 -16.38 -20.07
CA ILE B 50 -1.23 -17.29 -19.51
C ILE B 50 -1.92 -18.24 -18.54
N GLY B 51 -1.20 -19.32 -18.21
CA GLY B 51 -1.73 -20.34 -17.34
C GLY B 51 -1.14 -20.30 -15.95
N PRO B 52 -1.55 -21.25 -15.10
CA PRO B 52 -1.10 -21.22 -13.70
C PRO B 52 0.34 -21.64 -13.49
N GLU B 53 1.03 -22.13 -14.53
CA GLU B 53 2.45 -22.40 -14.40
C GLU B 53 3.28 -21.12 -14.34
N ASN B 54 2.67 -19.96 -14.53
CA ASN B 54 3.35 -18.68 -14.39
C ASN B 54 2.98 -18.09 -13.04
N PRO B 55 3.87 -18.09 -12.06
CA PRO B 55 3.54 -17.59 -10.73
C PRO B 55 3.82 -16.12 -10.52
N TYR B 56 4.35 -15.42 -11.52
CA TYR B 56 4.79 -14.04 -11.35
C TYR B 56 3.62 -13.06 -11.47
N ASN B 57 3.83 -11.86 -10.96
CA ASN B 57 2.79 -10.84 -11.09
C ASN B 57 3.37 -9.46 -10.83
N THR B 58 2.82 -8.50 -11.56
CA THR B 58 3.11 -7.09 -11.42
C THR B 58 1.78 -6.33 -11.40
N PRO B 59 1.60 -5.37 -10.49
CA PRO B 59 0.31 -4.68 -10.42
C PRO B 59 0.03 -3.85 -11.65
N VAL B 60 -1.26 -3.74 -11.98
CA VAL B 60 -1.72 -2.89 -13.06
C VAL B 60 -2.84 -2.00 -12.53
N PHE B 61 -2.96 -0.81 -13.09
CA PHE B 61 -4.14 0.03 -12.86
C PHE B 61 -4.34 0.88 -14.11
N ALA B 62 -5.21 1.90 -14.01
CA ALA B 62 -5.57 2.70 -15.16
C ALA B 62 -5.69 4.16 -14.74
N ILE B 63 -5.27 5.06 -15.64
CA ILE B 63 -5.25 6.49 -15.36
C ILE B 63 -5.82 7.28 -16.52
N LYS B 64 -5.77 8.60 -16.38
CA LYS B 64 -6.13 9.57 -17.41
C LYS B 64 -4.90 10.44 -17.62
N LYS B 65 -4.38 10.50 -18.85
CA LYS B 65 -3.28 11.43 -19.06
C LYS B 65 -3.77 12.86 -18.87
N LYS B 66 -2.83 13.79 -18.65
CA LYS B 66 -3.20 15.22 -18.45
C LYS B 66 -4.03 15.72 -19.63
N ASP B 67 -5.22 16.28 -19.35
CA ASP B 67 -6.09 16.88 -20.39
C ASP B 67 -6.63 15.87 -21.40
N SER B 68 -7.05 14.68 -20.96
CA SER B 68 -7.69 13.74 -21.87
C SER B 68 -8.74 12.94 -21.13
N THR B 69 -9.64 12.31 -21.89
CA THR B 69 -10.78 11.57 -21.35
C THR B 69 -10.69 10.07 -21.59
N LYS B 70 -9.62 9.57 -22.19
CA LYS B 70 -9.48 8.16 -22.49
C LYS B 70 -8.56 7.50 -21.47
N TRP B 71 -8.98 6.32 -20.99
CA TRP B 71 -8.18 5.60 -20.01
C TRP B 71 -6.89 5.09 -20.64
N ARG B 72 -5.81 5.16 -19.87
CA ARG B 72 -4.53 4.57 -20.24
C ARG B 72 -4.16 3.51 -19.22
N LYS B 73 -3.69 2.37 -19.71
CA LYS B 73 -3.24 1.30 -18.82
C LYS B 73 -1.85 1.64 -18.31
N LEU B 74 -1.64 1.47 -17.01
CA LEU B 74 -0.35 1.73 -16.38
C LEU B 74 0.05 0.51 -15.58
N VAL B 75 1.19 -0.08 -15.93
CA VAL B 75 1.75 -1.22 -15.20
C VAL B 75 2.81 -0.70 -14.26
N ASP B 76 2.75 -1.13 -12.99
CA ASP B 76 3.74 -0.71 -12.00
C ASP B 76 4.91 -1.71 -12.04
N PHE B 77 5.82 -1.46 -12.96
CA PHE B 77 6.99 -2.33 -13.16
C PHE B 77 8.15 -2.03 -12.21
N ARG B 78 7.90 -1.36 -11.07
CA ARG B 78 9.01 -0.95 -10.22
C ARG B 78 9.84 -2.14 -9.75
N GLU B 79 9.21 -3.27 -9.44
CA GLU B 79 9.99 -4.41 -8.90
C GLU B 79 10.72 -5.08 -10.05
N LEU B 80 10.03 -5.29 -11.17
CA LEU B 80 10.71 -5.89 -12.31
C LEU B 80 11.90 -5.05 -12.76
N ASN B 81 11.77 -3.72 -12.67
CA ASN B 81 12.88 -2.86 -13.09
C ASN B 81 14.09 -3.02 -12.17
N LYS B 82 13.86 -3.16 -10.86
CA LYS B 82 14.96 -3.44 -9.94
C LYS B 82 15.63 -4.77 -10.29
N ARG B 83 14.84 -5.78 -10.64
CA ARG B 83 15.34 -7.13 -10.85
C ARG B 83 15.89 -7.36 -12.24
N THR B 84 15.62 -6.46 -13.18
CA THR B 84 16.06 -6.65 -14.56
C THR B 84 17.54 -6.29 -14.68
N GLN B 85 18.26 -7.08 -15.48
CA GLN B 85 19.66 -6.79 -15.79
C GLN B 85 19.82 -5.33 -16.23
N ASP B 86 21.02 -4.81 -16.03
CA ASP B 86 21.35 -3.48 -16.51
C ASP B 86 21.84 -3.57 -17.94
N PHE B 87 21.51 -2.56 -18.74
CA PHE B 87 21.65 -2.61 -20.18
C PHE B 87 22.80 -1.72 -20.64
N TRP B 88 24.01 -2.29 -20.65
CA TRP B 88 25.19 -1.57 -21.12
C TRP B 88 25.87 -2.25 -22.31
N GLU B 89 25.18 -3.17 -22.99
CA GLU B 89 25.88 -4.02 -23.97
C GLU B 89 26.38 -3.21 -25.17
N VAL B 90 25.51 -2.42 -25.80
CA VAL B 90 25.92 -1.60 -26.93
C VAL B 90 26.51 -0.28 -26.45
N GLN B 91 25.91 0.29 -25.40
CA GLN B 91 26.31 1.55 -24.82
C GLN B 91 26.32 1.42 -23.30
N LEU B 92 27.40 1.89 -22.68
CA LEU B 92 27.46 2.02 -21.23
C LEU B 92 26.26 2.76 -20.67
N GLY B 93 25.56 3.50 -21.52
CA GLY B 93 24.46 4.36 -21.11
C GLY B 93 24.36 5.52 -22.08
N ILE B 94 23.25 6.24 -21.96
CA ILE B 94 23.06 7.44 -22.77
C ILE B 94 23.50 8.63 -21.92
N PRO B 95 24.76 9.11 -22.08
CA PRO B 95 25.24 10.21 -21.22
C PRO B 95 24.26 11.36 -21.21
N HIS B 96 23.70 11.64 -20.05
CA HIS B 96 22.54 12.53 -19.96
C HIS B 96 22.87 13.89 -20.57
N PRO B 97 22.02 14.40 -21.47
CA PRO B 97 22.30 15.70 -22.08
C PRO B 97 22.14 16.85 -21.12
N ALA B 98 23.26 17.48 -20.73
CA ALA B 98 23.22 18.61 -19.80
C ALA B 98 22.55 19.83 -20.42
N GLY B 99 22.39 19.88 -21.74
CA GLY B 99 21.77 21.02 -22.39
C GLY B 99 20.26 21.02 -22.40
N LEU B 100 19.62 19.91 -22.03
CA LEU B 100 18.17 19.84 -22.04
C LEU B 100 17.56 20.82 -21.04
N LYS B 101 18.16 20.91 -19.85
CA LYS B 101 17.65 21.79 -18.80
C LYS B 101 17.88 23.27 -19.08
N LYS B 102 18.51 23.62 -20.20
CA LYS B 102 18.81 25.01 -20.52
C LYS B 102 17.96 25.55 -21.66
N LYS B 103 17.02 24.77 -22.17
CA LYS B 103 16.18 25.23 -23.27
C LYS B 103 14.98 25.99 -22.75
N LYS B 104 14.42 26.84 -23.61
CA LYS B 104 13.31 27.73 -23.26
C LYS B 104 12.01 26.94 -23.10
N SER B 105 11.85 25.93 -23.93
CA SER B 105 10.65 25.11 -23.95
C SER B 105 11.06 23.66 -24.11
N VAL B 106 10.57 22.80 -23.23
CA VAL B 106 10.74 21.36 -23.35
C VAL B 106 9.34 20.74 -23.36
N THR B 107 9.01 20.04 -24.43
CA THR B 107 7.74 19.34 -24.55
C THR B 107 7.94 17.85 -24.30
N VAL B 108 7.02 17.26 -23.54
CA VAL B 108 7.09 15.85 -23.17
C VAL B 108 6.06 15.09 -24.00
N LEU B 109 6.52 14.08 -24.73
CA LEU B 109 5.59 13.30 -25.51
C LEU B 109 5.58 11.85 -25.04
N ASP B 110 4.36 11.29 -25.03
CA ASP B 110 4.16 9.88 -24.72
C ASP B 110 4.33 9.09 -26.01
N VAL B 111 5.53 8.52 -26.20
CA VAL B 111 5.84 7.73 -27.38
C VAL B 111 5.82 6.23 -27.08
N GLY B 112 5.35 5.84 -25.89
CA GLY B 112 5.39 4.45 -25.48
C GLY B 112 4.68 3.50 -26.41
N ASP B 113 3.71 3.98 -27.19
CA ASP B 113 2.99 3.11 -28.11
C ASP B 113 3.92 2.51 -29.17
N ALA B 114 4.99 3.23 -29.52
CA ALA B 114 5.93 2.72 -30.53
C ALA B 114 6.62 1.45 -30.05
N TYR B 115 6.70 1.24 -28.73
CA TYR B 115 7.39 0.06 -28.21
C TYR B 115 6.67 -1.22 -28.59
N PHE B 116 5.36 -1.15 -28.83
CA PHE B 116 4.56 -2.35 -29.10
C PHE B 116 4.87 -2.98 -30.45
N SER B 117 5.72 -2.36 -31.26
CA SER B 117 6.07 -2.89 -32.58
C SER B 117 7.29 -3.81 -32.54
N VAL B 118 7.93 -3.98 -31.40
CA VAL B 118 9.12 -4.81 -31.25
C VAL B 118 8.75 -6.01 -30.39
N PRO B 119 8.98 -7.23 -30.85
CA PRO B 119 8.68 -8.39 -30.02
C PRO B 119 9.60 -8.45 -28.82
N LEU B 120 9.09 -9.03 -27.74
CA LEU B 120 9.84 -9.23 -26.52
C LEU B 120 10.40 -10.65 -26.50
N ASP B 121 11.64 -10.79 -26.04
CA ASP B 121 12.31 -12.09 -25.97
C ASP B 121 11.39 -13.12 -25.33
N GLU B 122 11.22 -14.25 -26.03
CA GLU B 122 10.22 -15.24 -25.64
C GLU B 122 10.49 -15.82 -24.25
N ASP B 123 11.75 -15.86 -23.83
CA ASP B 123 12.09 -16.42 -22.52
C ASP B 123 11.87 -15.44 -21.37
N PHE B 124 11.75 -14.15 -21.67
CA PHE B 124 11.55 -13.13 -20.65
C PHE B 124 10.09 -12.75 -20.45
N ARG B 125 9.21 -13.13 -21.38
CA ARG B 125 7.83 -12.67 -21.36
C ARG B 125 7.12 -13.04 -20.06
N LYS B 126 7.41 -14.22 -19.50
CA LYS B 126 6.70 -14.67 -18.30
C LYS B 126 6.86 -13.70 -17.14
N TYR B 127 7.97 -12.96 -17.10
CA TYR B 127 8.20 -12.03 -16.00
C TYR B 127 7.34 -10.77 -16.09
N THR B 128 6.61 -10.57 -17.20
CA THR B 128 5.71 -9.44 -17.35
C THR B 128 4.27 -9.79 -17.04
N ALA B 129 4.03 -10.90 -16.34
CA ALA B 129 2.68 -11.32 -16.02
C ALA B 129 1.95 -10.27 -15.19
N PHE B 130 0.66 -10.10 -15.46
CA PHE B 130 -0.18 -9.21 -14.68
C PHE B 130 -1.59 -9.78 -14.66
N THR B 131 -2.41 -9.25 -13.75
CA THR B 131 -3.73 -9.78 -13.48
C THR B 131 -4.74 -8.64 -13.50
N ILE B 132 -5.85 -8.83 -14.21
CA ILE B 132 -7.01 -7.95 -14.08
C ILE B 132 -7.92 -8.55 -13.02
N PRO B 133 -8.04 -7.96 -11.84
CA PRO B 133 -8.86 -8.56 -10.79
C PRO B 133 -10.34 -8.39 -11.10
N SER B 134 -11.15 -9.16 -10.38
CA SER B 134 -12.60 -9.02 -10.44
C SER B 134 -13.10 -8.47 -9.11
N ILE B 135 -14.20 -7.71 -9.17
CA ILE B 135 -14.80 -7.20 -7.94
C ILE B 135 -15.15 -8.36 -7.03
N ASN B 136 -14.77 -8.25 -5.76
CA ASN B 136 -15.08 -9.22 -4.73
C ASN B 136 -14.49 -10.59 -5.03
N ASN B 137 -13.53 -10.66 -5.95
CA ASN B 137 -12.88 -11.92 -6.34
C ASN B 137 -13.90 -12.98 -6.74
N GLU B 138 -15.02 -12.55 -7.32
CA GLU B 138 -16.09 -13.48 -7.64
C GLU B 138 -15.78 -14.34 -8.86
N THR B 139 -14.95 -13.85 -9.77
CA THR B 139 -14.45 -14.64 -10.88
C THR B 139 -12.93 -14.62 -10.86
N PRO B 140 -12.22 -15.70 -11.33
CA PRO B 140 -10.76 -15.70 -11.37
C PRO B 140 -10.21 -14.49 -12.15
N GLY B 141 -9.15 -13.88 -11.61
CA GLY B 141 -8.50 -12.76 -12.30
C GLY B 141 -8.01 -13.15 -13.68
N ILE B 142 -8.07 -12.23 -14.62
CA ILE B 142 -7.64 -12.49 -16.00
C ILE B 142 -6.14 -12.29 -16.09
N ARG B 143 -5.41 -13.34 -16.46
CA ARG B 143 -3.96 -13.35 -16.45
C ARG B 143 -3.39 -13.18 -17.85
N TYR B 144 -2.50 -12.20 -18.02
CA TYR B 144 -1.85 -11.94 -19.28
C TYR B 144 -0.35 -11.85 -19.08
N GLN B 145 0.38 -11.96 -20.19
CA GLN B 145 1.77 -11.56 -20.27
C GLN B 145 2.00 -10.85 -21.59
N TYR B 146 3.07 -10.07 -21.65
CA TYR B 146 3.37 -9.29 -22.84
C TYR B 146 4.10 -10.12 -23.87
N ASN B 147 3.77 -9.91 -25.14
CA ASN B 147 4.53 -10.48 -26.25
C ASN B 147 5.46 -9.46 -26.90
N VAL B 148 5.30 -8.18 -26.58
CA VAL B 148 6.07 -7.09 -27.13
C VAL B 148 6.65 -6.27 -25.97
N LEU B 149 7.45 -5.27 -26.32
CA LEU B 149 8.06 -4.41 -25.31
C LEU B 149 6.97 -3.68 -24.52
N PRO B 150 6.89 -3.88 -23.21
CA PRO B 150 5.85 -3.21 -22.43
C PRO B 150 6.19 -1.77 -22.10
N GLN B 151 5.16 -0.94 -22.04
CA GLN B 151 5.31 0.40 -21.52
C GLN B 151 5.60 0.35 -20.02
N GLY B 152 6.53 1.18 -19.58
CA GLY B 152 6.88 1.25 -18.17
C GLY B 152 8.04 0.39 -17.74
N TRP B 153 8.51 -0.52 -18.60
CA TRP B 153 9.65 -1.37 -18.29
C TRP B 153 10.93 -0.68 -18.74
N LYS B 154 11.94 -0.68 -17.87
CA LYS B 154 13.17 0.04 -18.16
C LYS B 154 13.92 -0.54 -19.34
N GLY B 155 13.68 -1.81 -19.69
CA GLY B 155 14.33 -2.39 -20.85
C GLY B 155 13.75 -1.97 -22.17
N SER B 156 12.52 -1.46 -22.18
CA SER B 156 11.88 -1.09 -23.44
C SER B 156 12.60 0.05 -24.16
N PRO B 157 12.91 1.19 -23.52
CA PRO B 157 13.68 2.21 -24.24
C PRO B 157 15.08 1.77 -24.59
N ALA B 158 15.69 0.89 -23.78
CA ALA B 158 17.02 0.40 -24.09
C ALA B 158 17.01 -0.49 -25.33
N ILE B 159 16.05 -1.42 -25.41
CA ILE B 159 15.96 -2.29 -26.57
C ILE B 159 15.49 -1.51 -27.80
N PHE B 160 14.62 -0.53 -27.62
CA PHE B 160 14.11 0.28 -28.72
C PHE B 160 15.07 1.40 -29.12
N GLN B 161 16.15 1.62 -28.36
CA GLN B 161 17.01 2.78 -28.59
C GLN B 161 17.59 2.78 -30.00
N SER B 162 17.99 1.61 -30.50
CA SER B 162 18.55 1.56 -31.85
C SER B 162 17.51 1.93 -32.90
N SER B 163 16.27 1.50 -32.72
CA SER B 163 15.22 1.83 -33.68
C SER B 163 14.81 3.29 -33.58
N MET B 164 14.84 3.87 -32.37
CA MET B 164 14.43 5.25 -32.22
C MET B 164 15.43 6.21 -32.84
N THR B 165 16.73 5.96 -32.64
CA THR B 165 17.70 6.91 -33.18
C THR B 165 17.68 6.91 -34.71
N LYS B 166 17.33 5.78 -35.35
CA LYS B 166 17.15 5.82 -36.79
C LYS B 166 15.84 6.53 -37.15
N ILE B 167 14.81 6.43 -36.32
CA ILE B 167 13.53 7.07 -36.63
C ILE B 167 13.68 8.59 -36.72
N LEU B 168 14.43 9.18 -35.80
CA LEU B 168 14.68 10.60 -35.59
C LEU B 168 15.83 11.15 -36.41
N GLU B 169 16.63 10.29 -37.06
CA GLU B 169 17.79 10.79 -37.78
C GLU B 169 17.46 11.90 -38.77
N PRO B 170 16.39 11.84 -39.59
CA PRO B 170 16.13 12.99 -40.48
C PRO B 170 15.75 14.26 -39.73
N PHE B 171 14.98 14.13 -38.65
CA PHE B 171 14.61 15.30 -37.85
C PHE B 171 15.83 15.88 -37.13
N LYS B 172 16.77 15.02 -36.72
CA LYS B 172 17.92 15.50 -35.95
C LYS B 172 18.79 16.43 -36.78
N LYS B 173 19.24 16.00 -37.96
CA LYS B 173 20.18 16.81 -38.72
C LYS B 173 19.51 17.94 -39.49
N GLN B 174 18.18 17.91 -39.64
CA GLN B 174 17.49 19.09 -40.15
C GLN B 174 17.31 20.14 -39.06
N ASN B 175 17.25 19.72 -37.79
CA ASN B 175 17.14 20.62 -36.65
C ASN B 175 18.24 20.28 -35.66
N PRO B 176 19.48 20.75 -35.89
CA PRO B 176 20.60 20.31 -35.06
C PRO B 176 20.66 20.97 -33.69
N ASP B 177 19.94 22.07 -33.46
CA ASP B 177 19.98 22.74 -32.16
C ASP B 177 18.98 22.18 -31.16
N ILE B 178 18.20 21.17 -31.54
CA ILE B 178 17.14 20.62 -30.70
C ILE B 178 17.70 19.48 -29.86
N VAL B 179 17.44 19.52 -28.55
CA VAL B 179 17.80 18.44 -27.64
C VAL B 179 16.63 17.46 -27.57
N ILE B 180 16.92 16.19 -27.79
CA ILE B 180 15.91 15.15 -27.68
C ILE B 180 16.42 14.10 -26.70
N TYR B 181 15.65 13.85 -25.64
CA TYR B 181 16.01 12.92 -24.59
C TYR B 181 14.85 11.97 -24.36
N GLN B 182 15.17 10.68 -24.19
CA GLN B 182 14.21 9.61 -23.97
C GLN B 182 14.35 9.11 -22.54
N TYR B 183 13.27 9.18 -21.75
CA TYR B 183 13.22 8.53 -20.45
C TYR B 183 11.96 7.67 -20.40
N MET B 184 12.14 6.35 -20.27
CA MET B 184 11.02 5.40 -20.24
C MET B 184 10.08 5.61 -21.42
N ASP B 185 8.84 5.98 -21.19
CA ASP B 185 7.88 6.13 -22.31
C ASP B 185 7.82 7.58 -22.78
N ASP B 186 8.64 8.42 -22.22
CA ASP B 186 8.54 9.84 -22.55
C ASP B 186 9.67 10.29 -23.44
N LEU B 187 9.35 11.17 -24.36
CA LEU B 187 10.35 11.82 -25.20
C LEU B 187 10.36 13.30 -24.84
N TYR B 188 11.53 13.81 -24.45
CA TYR B 188 11.70 15.22 -24.08
C TYR B 188 12.41 15.94 -25.21
N VAL B 189 11.76 16.97 -25.75
CA VAL B 189 12.41 17.67 -26.86
C VAL B 189 12.33 19.16 -26.57
N GLY B 190 13.55 19.67 -26.43
CA GLY B 190 13.78 21.04 -25.98
C GLY B 190 14.29 21.92 -27.12
N SER B 191 13.80 23.16 -27.14
CA SER B 191 14.18 24.13 -28.17
C SER B 191 14.22 25.51 -27.54
N ASP B 192 14.83 26.46 -28.28
CA ASP B 192 14.87 27.84 -27.82
C ASP B 192 14.02 28.76 -28.69
N LEU B 193 13.04 28.17 -29.40
CA LEU B 193 12.36 29.13 -30.27
C LEU B 193 11.04 29.59 -29.67
N GLU B 194 10.40 30.48 -30.42
CA GLU B 194 9.08 30.98 -30.06
C GLU B 194 8.12 29.81 -29.91
N ILE B 195 7.20 29.90 -28.96
CA ILE B 195 6.34 28.76 -28.64
C ILE B 195 5.51 28.34 -29.84
N GLY B 196 5.08 29.30 -30.66
CA GLY B 196 4.38 28.96 -31.88
C GLY B 196 5.24 28.15 -32.84
N GLN B 197 6.50 28.58 -33.03
CA GLN B 197 7.45 27.76 -33.77
C GLN B 197 7.69 26.44 -33.06
N HIS B 198 7.84 26.49 -31.74
CA HIS B 198 8.08 25.28 -30.94
C HIS B 198 6.99 24.25 -31.18
N ARG B 199 5.72 24.65 -31.03
CA ARG B 199 4.61 23.72 -31.21
C ARG B 199 4.58 23.14 -32.62
N THR B 200 5.03 23.89 -33.62
CA THR B 200 5.02 23.40 -34.98
C THR B 200 6.12 22.36 -35.20
N LYS B 201 7.31 22.60 -34.64
CA LYS B 201 8.33 21.57 -34.81
C LYS B 201 7.99 20.33 -33.98
N ILE B 202 7.23 20.46 -32.88
CA ILE B 202 6.76 19.28 -32.17
C ILE B 202 5.84 18.45 -33.06
N GLU B 203 4.89 19.12 -33.74
CA GLU B 203 4.01 18.37 -34.62
C GLU B 203 4.75 17.81 -35.82
N GLU B 204 5.84 18.44 -36.26
CA GLU B 204 6.66 17.87 -37.31
C GLU B 204 7.28 16.56 -36.84
N LEU B 205 7.71 16.51 -35.58
CA LEU B 205 8.24 15.31 -34.95
C LEU B 205 7.20 14.19 -34.97
N ARG B 206 6.00 14.54 -34.50
CA ARG B 206 4.90 13.56 -34.44
C ARG B 206 4.70 12.88 -35.78
N GLN B 207 4.84 13.63 -36.88
CA GLN B 207 4.69 13.05 -38.20
C GLN B 207 5.70 11.93 -38.43
N HIS B 208 6.94 12.11 -37.98
CA HIS B 208 7.98 11.11 -38.21
C HIS B 208 7.61 9.76 -37.60
N LEU B 209 6.96 9.79 -36.43
CA LEU B 209 6.51 8.55 -35.80
C LEU B 209 5.17 8.09 -36.36
N LEU B 210 4.33 9.03 -36.81
CA LEU B 210 3.18 8.65 -37.62
C LEU B 210 3.62 7.87 -38.85
N ARG B 211 4.56 8.42 -39.62
CA ARG B 211 5.02 7.83 -40.87
C ARG B 211 5.58 6.44 -40.65
N TRP B 212 6.54 6.34 -39.73
CA TRP B 212 7.15 5.04 -39.44
C TRP B 212 6.11 4.05 -38.93
N GLY B 213 5.13 4.54 -38.16
CA GLY B 213 4.15 3.63 -37.59
C GLY B 213 3.36 2.86 -38.63
N LEU B 214 3.04 3.51 -39.76
CA LEU B 214 2.36 2.84 -40.85
C LEU B 214 3.36 2.37 -41.90
N GLU B 224 -2.83 2.87 -34.45
CA GLU B 224 -2.46 4.27 -34.30
C GLU B 224 -2.19 4.60 -32.83
N PRO B 225 -1.17 5.42 -32.57
CA PRO B 225 -0.81 5.74 -31.19
C PRO B 225 -1.89 6.55 -30.50
N PRO B 226 -2.39 6.07 -29.37
CA PRO B 226 -3.53 6.77 -28.72
C PRO B 226 -3.15 8.05 -28.01
N PHE B 227 -1.91 8.18 -27.50
CA PHE B 227 -1.54 9.35 -26.71
C PHE B 227 -0.32 10.07 -27.27
N LEU B 228 0.03 9.82 -28.54
CA LEU B 228 1.14 10.55 -29.15
C LEU B 228 0.79 12.00 -29.42
N TRP B 229 -0.50 12.33 -29.54
CA TRP B 229 -0.80 13.68 -30.02
C TRP B 229 -0.72 14.73 -28.94
N MET B 230 -0.68 14.36 -27.65
CA MET B 230 -0.68 15.29 -26.54
C MET B 230 0.73 15.80 -26.26
N GLY B 231 0.81 16.99 -25.68
CA GLY B 231 2.09 17.58 -25.31
C GLY B 231 2.04 18.35 -24.00
N TYR B 232 2.94 18.00 -23.09
CA TYR B 232 3.06 18.68 -21.80
C TYR B 232 4.30 19.58 -21.88
N GLU B 233 4.07 20.90 -21.87
CA GLU B 233 5.15 21.84 -22.15
C GLU B 233 5.77 22.36 -20.86
N LEU B 234 7.09 22.31 -20.82
CA LEU B 234 7.88 22.82 -19.71
C LEU B 234 8.71 24.02 -20.16
N HIS B 235 9.25 24.73 -19.18
CA HIS B 235 10.12 25.88 -19.41
C HIS B 235 11.23 25.85 -18.38
N PRO B 236 12.22 24.96 -18.54
CA PRO B 236 13.26 24.82 -17.52
C PRO B 236 14.15 26.03 -17.38
N ASP B 237 14.15 26.94 -18.35
CA ASP B 237 14.93 28.17 -18.25
C ASP B 237 14.41 29.07 -17.13
N LYS B 238 13.12 29.01 -16.87
CA LYS B 238 12.47 29.85 -15.86
C LYS B 238 12.38 29.17 -14.50
N TRP B 239 12.88 27.93 -14.38
CA TRP B 239 12.71 27.18 -13.15
C TRP B 239 13.35 27.92 -11.98
N THR B 240 12.57 28.10 -10.92
CA THR B 240 12.97 28.92 -9.80
C THR B 240 13.59 28.07 -8.70
N VAL B 241 14.49 28.70 -7.95
CA VAL B 241 15.20 28.05 -6.86
C VAL B 241 14.92 28.84 -5.59
N GLN B 242 15.58 28.47 -4.50
CA GLN B 242 15.44 29.31 -3.31
C GLN B 242 16.73 29.29 -2.50
N PRO B 243 17.32 30.49 -2.51
CA PRO B 243 18.38 30.80 -1.56
C PRO B 243 17.78 31.09 -0.18
N ILE B 244 18.65 31.09 0.83
CA ILE B 244 18.23 31.42 2.19
C ILE B 244 18.25 32.93 2.35
N VAL B 245 17.12 33.51 2.78
CA VAL B 245 16.99 34.94 2.98
C VAL B 245 16.56 35.21 4.42
N LEU B 246 17.03 36.33 4.96
CA LEU B 246 16.68 36.72 6.31
C LEU B 246 15.75 37.93 6.29
N PRO B 247 14.90 38.09 7.31
CA PRO B 247 13.97 39.24 7.32
C PRO B 247 14.72 40.56 7.38
N GLU B 248 14.09 41.59 6.81
CA GLU B 248 14.53 42.97 6.93
C GLU B 248 13.47 43.72 7.74
N LYS B 249 13.82 44.15 8.94
CA LYS B 249 12.85 44.75 9.84
C LYS B 249 13.42 46.02 10.45
N ASP B 250 12.51 46.89 10.90
CA ASP B 250 12.88 48.10 11.63
C ASP B 250 12.81 47.90 13.13
N SER B 251 11.85 47.09 13.61
CA SER B 251 11.74 46.75 15.02
C SER B 251 11.70 45.24 15.15
N TRP B 252 12.59 44.69 15.98
CA TRP B 252 12.65 43.25 16.23
C TRP B 252 12.09 42.97 17.63
N THR B 253 11.07 42.13 17.70
CA THR B 253 10.62 41.64 18.99
C THR B 253 11.54 40.52 19.46
N VAL B 254 11.40 40.17 20.74
CA VAL B 254 12.08 38.99 21.27
C VAL B 254 11.79 37.78 20.41
N ASN B 255 10.51 37.59 20.06
CA ASN B 255 10.14 36.43 19.25
C ASN B 255 10.79 36.48 17.87
N ASP B 256 10.83 37.68 17.26
CA ASP B 256 11.51 37.83 15.97
C ASP B 256 12.96 37.39 16.06
N ILE B 257 13.66 37.81 17.11
CA ILE B 257 15.08 37.48 17.23
C ILE B 257 15.28 35.99 17.49
N GLN B 258 14.39 35.40 18.29
CA GLN B 258 14.48 33.95 18.53
C GLN B 258 14.33 33.17 17.23
N LYS B 259 13.38 33.58 16.37
CA LYS B 259 13.21 32.90 15.09
C LYS B 259 14.40 33.13 14.18
N LEU B 260 14.98 34.33 14.22
CA LEU B 260 16.17 34.62 13.45
C LEU B 260 17.34 33.75 13.88
N VAL B 261 17.59 33.68 15.19
CA VAL B 261 18.69 32.86 15.72
C VAL B 261 18.45 31.40 15.41
N GLY B 262 17.20 30.94 15.52
CA GLY B 262 16.90 29.56 15.17
C GLY B 262 17.18 29.26 13.72
N LYS B 263 16.79 30.17 12.82
CA LYS B 263 17.02 29.96 11.40
C LYS B 263 18.52 30.02 11.08
N LEU B 264 19.26 30.92 11.73
CA LEU B 264 20.69 31.02 11.49
C LEU B 264 21.43 29.81 12.04
N ASN B 265 20.99 29.29 13.18
CA ASN B 265 21.56 28.06 13.72
C ASN B 265 21.44 26.93 12.70
N TRP B 266 20.25 26.79 12.10
CA TRP B 266 20.04 25.78 11.07
C TRP B 266 20.91 26.05 9.85
N ALA B 267 20.93 27.29 9.38
CA ALA B 267 21.71 27.63 8.19
C ALA B 267 23.20 27.39 8.38
N SER B 268 23.67 27.48 9.63
CA SER B 268 25.09 27.27 9.89
C SER B 268 25.53 25.83 9.65
N GLN B 269 24.59 24.88 9.59
CA GLN B 269 24.94 23.53 9.14
C GLN B 269 25.24 23.50 7.65
N ILE B 270 24.68 24.44 6.91
CA ILE B 270 24.88 24.51 5.46
C ILE B 270 26.01 25.47 5.11
N TYR B 271 26.08 26.60 5.80
CA TYR B 271 27.12 27.60 5.57
C TYR B 271 28.01 27.68 6.80
N PRO B 272 29.28 27.31 6.70
CA PRO B 272 30.14 27.27 7.91
C PRO B 272 30.28 28.60 8.64
N GLY B 273 30.46 29.70 7.93
CA GLY B 273 30.79 30.97 8.55
C GLY B 273 29.69 31.68 9.30
N ILE B 274 28.49 31.10 9.39
CA ILE B 274 27.36 31.77 10.06
C ILE B 274 27.64 31.86 11.55
N LYS B 275 27.45 33.05 12.12
CA LYS B 275 27.62 33.21 13.57
C LYS B 275 26.39 33.87 14.16
N VAL B 276 26.12 33.47 15.41
CA VAL B 276 24.90 33.89 16.10
C VAL B 276 25.18 34.42 17.50
N ARG B 277 26.46 34.55 17.85
CA ARG B 277 26.71 34.86 19.26
C ARG B 277 26.32 36.30 19.60
N GLN B 278 26.61 37.29 18.75
CA GLN B 278 26.18 38.65 19.03
C GLN B 278 24.66 38.76 19.06
N LEU B 279 23.98 38.04 18.18
CA LEU B 279 22.52 38.08 18.15
C LEU B 279 21.93 37.36 19.35
N SER B 280 22.52 36.24 19.76
CA SER B 280 22.04 35.53 20.93
C SER B 280 22.19 36.36 22.20
N LYS B 281 23.21 37.22 22.24
CA LYS B 281 23.38 38.11 23.40
C LYS B 281 22.22 39.07 23.55
N LEU B 282 21.57 39.43 22.44
CA LEU B 282 20.41 40.32 22.52
C LEU B 282 19.29 39.71 23.34
N LEU B 283 19.21 38.38 23.31
CA LEU B 283 18.09 37.71 24.01
C LEU B 283 18.44 37.61 25.49
N ARG B 284 19.69 37.89 25.87
CA ARG B 284 20.08 37.88 27.31
C ARG B 284 19.04 38.68 28.10
N GLY B 285 18.25 37.97 28.91
CA GLY B 285 17.16 38.64 29.64
C GLY B 285 15.89 37.83 29.54
N THR B 286 14.89 38.10 30.38
CA THR B 286 13.70 37.26 30.38
C THR B 286 12.51 38.10 29.92
N LYS B 287 12.63 38.74 28.77
CA LYS B 287 11.63 39.74 28.40
C LYS B 287 10.41 39.08 27.77
N ALA B 288 9.30 39.83 27.76
CA ALA B 288 8.09 39.37 27.10
C ALA B 288 8.36 39.09 25.63
N LEU B 289 7.69 38.07 25.10
CA LEU B 289 7.94 37.63 23.73
C LEU B 289 7.66 38.71 22.71
N THR B 290 6.71 39.60 22.99
CA THR B 290 6.31 40.65 22.06
C THR B 290 7.01 41.98 22.31
N GLU B 291 7.97 42.01 23.24
CA GLU B 291 8.68 43.25 23.52
C GLU B 291 9.74 43.52 22.47
N VAL B 292 9.80 44.75 22.00
CA VAL B 292 10.78 45.16 20.98
C VAL B 292 12.15 45.29 21.63
N ILE B 293 13.16 44.70 21.00
CA ILE B 293 14.55 44.80 21.44
C ILE B 293 15.32 45.59 20.40
N PRO B 294 16.02 46.66 20.78
CA PRO B 294 16.89 47.34 19.81
C PRO B 294 18.14 46.52 19.55
N LEU B 295 18.53 46.47 18.27
CA LEU B 295 19.76 45.77 17.91
C LEU B 295 20.98 46.59 18.33
N THR B 296 21.95 45.93 18.94
CA THR B 296 23.25 46.56 19.13
C THR B 296 23.99 46.64 17.80
N GLU B 297 24.97 47.55 17.74
CA GLU B 297 25.82 47.69 16.56
C GLU B 297 26.52 46.37 16.24
N GLU B 298 26.98 45.68 17.28
CA GLU B 298 27.63 44.39 17.09
C GLU B 298 26.67 43.36 16.51
N ALA B 299 25.42 43.36 16.97
CA ALA B 299 24.44 42.42 16.44
C ALA B 299 24.08 42.75 15.00
N GLU B 300 23.99 44.04 14.67
CA GLU B 300 23.68 44.42 13.30
C GLU B 300 24.81 44.06 12.35
N LEU B 301 26.05 44.14 12.82
CA LEU B 301 27.17 43.75 11.97
C LEU B 301 27.18 42.24 11.72
N GLU B 302 26.97 41.46 12.77
CA GLU B 302 26.84 40.01 12.61
C GLU B 302 25.72 39.67 11.64
N LEU B 303 24.58 40.36 11.76
CA LEU B 303 23.47 40.12 10.85
C LEU B 303 23.84 40.47 9.41
N ALA B 304 24.53 41.59 9.21
CA ALA B 304 24.95 41.98 7.87
C ALA B 304 25.94 40.98 7.28
N GLU B 305 26.86 40.48 8.11
CA GLU B 305 27.83 39.52 7.61
C GLU B 305 27.17 38.18 7.29
N ASN B 306 26.15 37.79 8.06
CA ASN B 306 25.41 36.57 7.73
C ASN B 306 24.66 36.73 6.41
N ARG B 307 24.08 37.92 6.18
CA ARG B 307 23.40 38.18 4.91
C ARG B 307 24.33 37.96 3.72
N GLU B 308 25.56 38.47 3.82
CA GLU B 308 26.51 38.34 2.72
C GLU B 308 26.88 36.89 2.48
N ILE B 309 27.12 36.14 3.56
CA ILE B 309 27.43 34.72 3.44
C ILE B 309 26.34 33.98 2.68
N LEU B 310 25.08 34.30 2.96
CA LEU B 310 23.95 33.58 2.37
C LEU B 310 23.73 33.92 0.90
N LYS B 311 24.42 34.91 0.35
CA LYS B 311 24.32 35.24 -1.07
C LYS B 311 25.24 34.39 -1.94
N GLU B 312 26.04 33.59 -1.27
CA GLU B 312 27.04 32.78 -1.98
C GLU B 312 26.55 31.32 -2.14
N PRO B 313 27.02 30.53 -3.14
CA PRO B 313 26.63 29.12 -3.23
C PRO B 313 27.19 28.31 -2.07
N VAL B 314 26.51 27.20 -1.79
CA VAL B 314 26.99 26.26 -0.79
C VAL B 314 28.28 25.60 -1.28
N HIS B 315 29.22 25.41 -0.36
CA HIS B 315 30.53 24.86 -0.66
CA HIS B 315 30.52 24.86 -0.71
C HIS B 315 30.45 23.34 -0.81
N GLY B 316 31.28 22.80 -1.71
CA GLY B 316 31.39 21.36 -1.88
C GLY B 316 30.12 20.64 -2.26
N VAL B 317 29.36 21.20 -3.20
CA VAL B 317 28.12 20.55 -3.71
C VAL B 317 28.43 19.95 -5.07
N TYR B 318 28.15 18.67 -5.23
CA TYR B 318 28.44 17.98 -6.49
C TYR B 318 27.47 16.83 -6.66
N TYR B 319 27.15 16.53 -7.92
CA TYR B 319 26.29 15.41 -8.25
C TYR B 319 27.14 14.18 -8.54
N ASP B 320 26.76 13.06 -7.95
CA ASP B 320 27.42 11.78 -8.20
C ASP B 320 26.40 10.82 -8.80
N PRO B 321 26.54 10.44 -10.07
CA PRO B 321 25.54 9.57 -10.71
C PRO B 321 25.45 8.18 -10.10
N SER B 322 26.38 7.79 -9.24
CA SER B 322 26.35 6.48 -8.60
C SER B 322 25.55 6.46 -7.31
N LYS B 323 25.03 7.60 -6.86
CA LYS B 323 24.25 7.66 -5.63
C LYS B 323 22.83 8.08 -5.93
N ASP B 324 21.92 7.65 -5.07
CA ASP B 324 20.51 7.99 -5.20
C ASP B 324 20.31 9.49 -5.02
N LEU B 325 19.27 10.01 -5.69
CA LEU B 325 18.75 11.33 -5.38
C LEU B 325 17.61 11.18 -4.37
N ILE B 326 17.61 12.03 -3.36
CA ILE B 326 16.60 12.01 -2.32
C ILE B 326 15.80 13.31 -2.40
N ALA B 327 14.48 13.20 -2.33
CA ALA B 327 13.59 14.37 -2.39
C ALA B 327 12.74 14.42 -1.13
N GLU B 328 12.80 15.54 -0.43
CA GLU B 328 11.98 15.78 0.75
C GLU B 328 10.98 16.87 0.45
N ILE B 329 9.78 16.75 1.01
CA ILE B 329 8.68 17.68 0.77
C ILE B 329 8.08 18.10 2.12
N GLN B 330 7.80 19.40 2.26
CA GLN B 330 7.12 19.91 3.44
C GLN B 330 5.82 20.60 3.03
N LYS B 331 4.76 20.32 3.78
CA LYS B 331 3.48 21.00 3.63
C LYS B 331 3.56 22.33 4.37
N GLN B 332 3.33 23.44 3.66
CA GLN B 332 3.47 24.76 4.28
C GLN B 332 2.12 25.44 4.51
N GLY B 333 1.01 24.82 4.13
CA GLY B 333 -0.31 25.37 4.34
C GLY B 333 -0.72 26.32 3.22
N GLN B 334 -2.04 26.54 3.11
CA GLN B 334 -2.60 27.39 2.06
C GLN B 334 -2.19 26.90 0.68
N GLY B 335 -2.05 25.59 0.54
CA GLY B 335 -1.74 25.00 -0.75
C GLY B 335 -0.32 25.20 -1.25
N GLN B 336 0.63 25.58 -0.40
CA GLN B 336 2.01 25.74 -0.82
C GLN B 336 2.86 24.62 -0.23
N TRP B 337 3.88 24.21 -0.98
CA TRP B 337 4.72 23.07 -0.63
C TRP B 337 6.16 23.42 -0.96
N THR B 338 7.07 23.07 -0.06
CA THR B 338 8.48 23.25 -0.32
C THR B 338 9.14 21.89 -0.52
N TYR B 339 10.25 21.86 -1.26
CA TYR B 339 10.93 20.61 -1.48
C TYR B 339 12.42 20.86 -1.69
N GLN B 340 13.21 19.84 -1.40
CA GLN B 340 14.65 19.86 -1.59
C GLN B 340 15.07 18.53 -2.20
N ILE B 341 16.03 18.59 -3.14
CA ILE B 341 16.63 17.40 -3.74
C ILE B 341 18.11 17.40 -3.38
N TYR B 342 18.59 16.27 -2.86
CA TYR B 342 19.97 16.19 -2.40
C TYR B 342 20.43 14.75 -2.47
N GLN B 343 21.74 14.56 -2.34
CA GLN B 343 22.33 13.24 -2.17
C GLN B 343 22.99 13.08 -0.81
N GLU B 344 23.62 14.14 -0.31
CA GLU B 344 24.17 14.23 1.03
C GLU B 344 23.43 15.31 1.81
N PRO B 345 23.20 15.12 3.10
CA PRO B 345 22.48 16.12 3.88
C PRO B 345 23.19 17.46 3.85
N PHE B 346 22.41 18.53 3.73
CA PHE B 346 22.85 19.92 3.72
C PHE B 346 23.60 20.29 2.44
N LYS B 347 23.58 19.43 1.43
CA LYS B 347 24.20 19.70 0.13
C LYS B 347 23.10 19.62 -0.93
N ASN B 348 22.20 20.60 -0.91
CA ASN B 348 21.03 20.56 -1.78
C ASN B 348 21.44 20.79 -3.23
N LEU B 349 20.97 19.91 -4.11
CA LEU B 349 21.18 20.07 -5.54
C LEU B 349 20.10 20.91 -6.20
N LYS B 350 18.89 20.90 -5.63
CA LYS B 350 17.82 21.79 -6.06
C LYS B 350 16.84 21.96 -4.91
N THR B 351 16.33 23.18 -4.75
CA THR B 351 15.22 23.44 -3.85
C THR B 351 14.16 24.22 -4.60
N GLY B 352 12.93 24.18 -4.08
CA GLY B 352 11.86 24.88 -4.76
C GLY B 352 10.63 24.96 -3.89
N LYS B 353 9.59 25.56 -4.47
CA LYS B 353 8.33 25.75 -3.76
C LYS B 353 7.19 25.83 -4.77
N TYR B 354 6.10 25.11 -4.50
CA TYR B 354 4.91 25.11 -5.32
C TYR B 354 3.75 25.70 -4.54
N ALA B 355 2.78 26.27 -5.27
CA ALA B 355 1.57 26.79 -4.66
C ALA B 355 0.40 26.73 -5.65
N ARG B 356 0.73 26.60 -6.94
CA ARG B 356 -0.24 26.57 -8.04
C ARG B 356 -0.88 25.20 -8.23
N MET B 357 -1.08 24.45 -7.16
CA MET B 357 -1.57 23.11 -7.48
C MET B 357 -3.06 23.15 -7.77
N ARG B 358 -3.25 22.59 -8.95
CA ARG B 358 -4.49 22.93 -9.64
C ARG B 358 -5.56 21.88 -9.38
N GLY B 359 -6.81 22.34 -9.21
CA GLY B 359 -7.95 21.41 -9.02
C GLY B 359 -7.78 20.62 -7.74
N ALA B 360 -7.24 21.26 -6.68
CA ALA B 360 -7.14 20.58 -5.35
C ALA B 360 -7.10 21.47 -4.10
N HIS B 361 -7.81 22.60 -4.03
CA HIS B 361 -7.75 23.56 -2.88
C HIS B 361 -8.31 22.96 -1.59
N THR B 362 -8.94 21.82 -1.66
CA THR B 362 -9.61 21.04 -0.58
C THR B 362 -9.04 19.61 -0.43
N ASN B 363 -7.97 19.25 -1.15
CA ASN B 363 -7.48 17.87 -1.14
C ASN B 363 -5.96 17.89 -0.99
N ASP B 364 -5.50 17.72 0.25
CA ASP B 364 -4.07 17.64 0.57
C ASP B 364 -3.34 16.59 -0.27
N VAL B 365 -3.96 15.42 -0.43
CA VAL B 365 -3.25 14.29 -1.02
C VAL B 365 -3.12 14.48 -2.54
N LYS B 366 -4.14 15.07 -3.17
CA LYS B 366 -4.01 15.40 -4.58
C LYS B 366 -2.90 16.42 -4.81
N GLN B 367 -2.82 17.44 -3.95
CA GLN B 367 -1.74 18.42 -4.06
C GLN B 367 -0.38 17.74 -3.94
N LEU B 368 -0.22 16.87 -2.94
CA LEU B 368 1.05 16.19 -2.75
C LEU B 368 1.38 15.28 -3.94
N THR B 369 0.37 14.60 -4.47
CA THR B 369 0.62 13.73 -5.62
C THR B 369 1.10 14.52 -6.82
N GLU B 370 0.52 15.70 -7.05
CA GLU B 370 0.98 16.53 -8.15
CA GLU B 370 0.97 16.55 -8.14
C GLU B 370 2.38 17.09 -7.89
N ALA B 371 2.69 17.41 -6.62
CA ALA B 371 4.03 17.86 -6.31
C ALA B 371 5.06 16.78 -6.62
N VAL B 372 4.75 15.54 -6.24
CA VAL B 372 5.67 14.42 -6.51
C VAL B 372 5.93 14.30 -8.00
N GLN B 373 4.88 14.44 -8.81
CA GLN B 373 5.04 14.28 -10.25
C GLN B 373 5.86 15.40 -10.86
N LYS B 374 5.68 16.64 -10.38
CA LYS B 374 6.48 17.72 -10.96
C LYS B 374 7.92 17.67 -10.49
N ILE B 375 8.17 17.26 -9.24
CA ILE B 375 9.54 17.10 -8.78
C ILE B 375 10.25 15.99 -9.56
N THR B 376 9.54 14.89 -9.81
CA THR B 376 10.12 13.81 -10.59
C THR B 376 10.46 14.27 -12.01
N THR B 377 9.57 15.05 -12.62
CA THR B 377 9.82 15.57 -13.96
C THR B 377 11.06 16.46 -13.97
N GLU B 378 11.18 17.36 -13.00
CA GLU B 378 12.37 18.20 -12.91
C GLU B 378 13.62 17.34 -12.74
N SER B 379 13.52 16.27 -11.94
N SER B 379 13.53 16.26 -11.96
CA SER B 379 14.67 15.38 -11.73
CA SER B 379 14.69 15.41 -11.74
C SER B 379 15.08 14.69 -13.02
C SER B 379 15.09 14.66 -13.00
N ILE B 380 14.11 14.26 -13.83
CA ILE B 380 14.44 13.58 -15.08
C ILE B 380 15.14 14.52 -16.05
N VAL B 381 14.66 15.76 -16.13
CA VAL B 381 15.26 16.73 -17.05
C VAL B 381 16.69 17.05 -16.64
N ILE B 382 16.96 17.17 -15.34
CA ILE B 382 18.26 17.65 -14.88
C ILE B 382 19.28 16.51 -14.81
N TRP B 383 18.90 15.36 -14.24
CA TRP B 383 19.85 14.28 -14.02
C TRP B 383 19.50 12.97 -14.73
N GLY B 384 18.34 12.87 -15.37
CA GLY B 384 17.99 11.65 -16.05
C GLY B 384 17.62 10.48 -15.16
N LYS B 385 17.18 10.75 -13.93
CA LYS B 385 16.66 9.67 -13.09
C LYS B 385 15.73 10.27 -12.05
N THR B 386 14.91 9.40 -11.45
CA THR B 386 13.89 9.77 -10.48
C THR B 386 14.44 9.72 -9.06
N PRO B 387 14.03 10.65 -8.20
CA PRO B 387 14.49 10.63 -6.81
C PRO B 387 13.64 9.67 -5.99
N LYS B 388 14.17 9.38 -4.79
CA LYS B 388 13.39 8.58 -3.82
C LYS B 388 12.82 9.60 -2.84
N PHE B 389 11.51 9.52 -2.63
CA PHE B 389 10.78 10.55 -1.92
C PHE B 389 10.63 10.21 -0.45
N LYS B 390 10.73 11.24 0.39
CA LYS B 390 10.36 11.24 1.80
C LYS B 390 9.06 12.01 1.89
N LEU B 391 7.91 11.32 2.04
CA LEU B 391 6.59 11.95 1.93
C LEU B 391 6.02 12.26 3.30
N PRO B 392 5.57 13.49 3.53
CA PRO B 392 4.92 13.88 4.80
C PRO B 392 3.46 13.43 4.84
N ILE B 393 3.26 12.12 4.99
CA ILE B 393 1.93 11.53 4.92
C ILE B 393 2.00 10.14 5.54
N GLN B 394 0.88 9.70 6.09
CA GLN B 394 0.80 8.32 6.60
C GLN B 394 0.69 7.35 5.44
N LYS B 395 1.41 6.26 5.56
CA LYS B 395 1.48 5.28 4.47
C LYS B 395 0.09 4.88 4.01
N GLU B 396 -0.82 4.61 4.95
CA GLU B 396 -2.13 4.09 4.58
C GLU B 396 -2.95 5.14 3.83
N THR B 397 -2.85 6.41 4.21
CA THR B 397 -3.53 7.46 3.45
C THR B 397 -2.98 7.57 2.03
N TRP B 398 -1.66 7.53 1.89
CA TRP B 398 -1.04 7.65 0.57
C TRP B 398 -1.43 6.49 -0.33
N GLU B 399 -1.25 5.26 0.16
CA GLU B 399 -1.50 4.09 -0.68
C GLU B 399 -2.96 3.98 -1.09
N THR B 400 -3.86 4.53 -0.28
CA THR B 400 -5.27 4.46 -0.63
C THR B 400 -5.62 5.38 -1.80
N TRP B 401 -4.90 6.49 -1.97
CA TRP B 401 -5.39 7.57 -2.83
C TRP B 401 -4.47 8.01 -3.96
N TRP B 402 -3.16 7.76 -3.90
CA TRP B 402 -2.27 8.38 -4.88
C TRP B 402 -2.60 7.94 -6.30
N THR B 403 -3.04 6.70 -6.49
CA THR B 403 -3.37 6.22 -7.84
C THR B 403 -4.55 6.98 -8.43
N GLU B 404 -5.37 7.63 -7.61
CA GLU B 404 -6.51 8.39 -8.13
C GLU B 404 -6.11 9.70 -8.78
N TYR B 405 -4.90 10.20 -8.53
CA TYR B 405 -4.46 11.47 -9.08
C TYR B 405 -3.22 11.34 -9.94
N TRP B 406 -2.72 10.12 -10.15
CA TRP B 406 -1.51 9.92 -10.91
C TRP B 406 -1.78 10.08 -12.40
N GLN B 407 -0.91 10.80 -13.08
CA GLN B 407 -1.06 10.92 -14.52
C GLN B 407 0.25 10.80 -15.27
N ALA B 408 1.34 10.44 -14.61
CA ALA B 408 2.60 10.12 -15.28
C ALA B 408 2.66 8.63 -15.59
N THR B 409 3.54 8.28 -16.53
CA THR B 409 3.69 6.90 -16.93
C THR B 409 4.82 6.17 -16.22
N TRP B 410 5.61 6.88 -15.41
CA TRP B 410 6.57 6.28 -14.50
C TRP B 410 6.06 6.40 -13.07
N ILE B 411 6.73 5.70 -12.15
CA ILE B 411 6.40 5.75 -10.73
C ILE B 411 7.70 5.74 -9.93
N PRO B 412 7.98 6.74 -9.11
CA PRO B 412 9.19 6.74 -8.30
C PRO B 412 9.02 5.88 -7.05
N GLU B 413 10.09 5.81 -6.27
CA GLU B 413 9.94 5.11 -4.99
C GLU B 413 9.79 6.17 -3.90
N TRP B 414 9.20 5.75 -2.79
CA TRP B 414 8.88 6.67 -1.71
C TRP B 414 8.93 5.95 -0.37
N GLU B 415 9.21 6.72 0.68
CA GLU B 415 9.00 6.31 2.06
C GLU B 415 8.27 7.43 2.78
N PHE B 416 7.92 7.19 4.05
CA PHE B 416 6.98 8.04 4.75
C PHE B 416 7.60 8.63 6.00
N VAL B 417 7.36 9.92 6.21
CA VAL B 417 7.83 10.67 7.37
C VAL B 417 6.70 10.72 8.39
N ASN B 418 6.96 10.20 9.59
CA ASN B 418 5.96 10.17 10.65
C ASN B 418 6.29 11.10 11.81
N THR B 419 7.45 11.75 11.80
CA THR B 419 7.81 12.72 12.82
C THR B 419 7.87 14.11 12.22
N PRO B 420 7.20 15.10 12.78
CA PRO B 420 7.17 16.44 12.17
C PRO B 420 8.54 17.08 12.18
N PRO B 421 9.01 17.53 11.02
CA PRO B 421 10.31 18.20 10.97
C PRO B 421 10.24 19.60 11.54
N LEU B 422 11.25 19.96 12.33
CA LEU B 422 11.41 21.35 12.75
C LEU B 422 11.84 22.25 11.59
N VAL B 423 12.50 21.69 10.58
CA VAL B 423 13.04 22.44 9.45
CA VAL B 423 13.03 22.50 9.49
C VAL B 423 11.95 23.11 8.62
N LYS B 424 10.70 22.68 8.77
CA LYS B 424 9.61 23.28 7.99
C LYS B 424 9.59 24.79 8.14
N LEU B 425 9.79 25.27 9.38
CA LEU B 425 9.77 26.70 9.65
C LEU B 425 10.79 27.47 8.83
N TRP B 426 11.93 26.85 8.53
CA TRP B 426 13.04 27.55 7.88
CA TRP B 426 12.98 27.61 7.88
C TRP B 426 12.93 27.58 6.37
N TYR B 427 12.19 26.66 5.76
CA TYR B 427 12.01 26.70 4.31
C TYR B 427 10.79 27.51 3.90
N GLN B 428 9.99 28.00 4.86
CA GLN B 428 8.80 28.78 4.55
C GLN B 428 9.17 30.20 4.14
C2 W15 C . -24.50 10.91 1.60
C1 W15 C . -25.86 10.33 1.24
C3 W15 C . -23.82 11.78 0.79
C4 W15 C . -22.62 12.35 1.11
C5 W15 C . -22.04 12.03 2.32
C6 W15 C . -22.71 11.19 3.19
C7 W15 C . -23.89 10.63 2.82
N W15 C . -26.86 12.39 1.61
C W15 C . -26.96 11.03 1.97
F W15 C . -24.38 12.12 -0.39
CL W15 C . -24.63 9.51 3.91
C1 T27 D . -20.25 -17.85 -4.55
N2 T27 D . -23.49 -13.48 -6.46
C3 T27 D . -21.42 -19.78 -3.73
C4 T27 D . -22.25 -19.74 -4.83
C5 T27 D . -22.10 -18.76 -5.79
C6 T27 D . -21.09 -17.81 -5.65
C7 T27 D . -19.17 -16.83 -4.41
C2 T27 D . -20.41 -18.83 -3.58
C8 T27 D . -23.02 -18.75 -6.97
N1 T27 D . -20.92 -16.79 -6.66
C9 T27 D . -22.42 -13.42 -7.30
C10 T27 D . -21.55 -14.51 -7.38
C11 T27 D . -21.79 -15.64 -6.62
N3 T27 D . -22.87 -15.64 -5.80
C12 T27 D . -23.70 -14.58 -5.74
N4 T27 D . -24.86 -14.56 -4.88
C13 T27 D . -26.64 -17.60 -2.54
C14 T27 D . -27.28 -16.39 -2.78
C15 T27 D . -26.66 -15.42 -3.55
C16 T27 D . -25.40 -15.65 -4.10
C17 T27 D . -24.75 -16.85 -3.85
C18 T27 D . -25.38 -17.83 -3.07
N5 T27 D . -27.89 -19.39 -1.06
C19 T27 D . -27.35 -18.62 -1.71
C20 T27 D . -20.65 -21.43 -2.00
C21 T27 D . -21.65 -20.85 -2.72
N6 T27 D . -21.25 -23.54 -0.56
C22 T27 D . -21.03 -22.65 -1.24
S DMS E . -12.16 7.20 25.48
O DMS E . -11.63 8.77 24.78
C1 DMS E . -11.01 6.65 26.77
C2 DMS E . -13.65 7.45 26.47
S DMS F . -7.38 26.12 23.78
O DMS F . -7.80 24.59 24.65
C1 DMS F . -5.60 26.43 23.95
C2 DMS F . -7.56 25.91 22.00
S DMS G . 18.70 11.05 27.92
O DMS G . 17.11 11.81 27.53
C1 DMS G . 20.04 11.99 27.14
C2 DMS G . 19.10 11.32 29.67
C1 EDO H . -5.51 -25.10 -19.37
O1 EDO H . -6.33 -26.28 -19.39
C2 EDO H . -5.55 -24.52 -17.97
O2 EDO H . -4.78 -23.32 -17.92
C1 EDO I . -6.35 16.59 19.49
O1 EDO I . -7.45 16.86 20.31
C2 EDO I . -5.56 17.81 19.28
O2 EDO I . -5.92 18.79 20.19
MG MG J . 19.52 23.29 27.90
S SO4 K . -6.97 0.98 27.56
O1 SO4 K . -7.32 0.94 26.17
O2 SO4 K . -7.10 2.31 28.05
O3 SO4 K . -7.85 0.12 28.28
O4 SO4 K . -5.63 0.53 27.71
S SO4 L . -5.86 -40.39 -5.69
O1 SO4 L . -5.16 -39.47 -6.53
O2 SO4 L . -7.05 -39.77 -5.17
O3 SO4 L . -6.22 -41.55 -6.44
O4 SO4 L . -5.01 -40.78 -4.59
S SO4 M . 5.39 8.47 32.55
O1 SO4 M . 5.30 9.74 31.90
O2 SO4 M . 4.89 8.59 33.89
O3 SO4 M . 4.63 7.48 31.84
O4 SO4 M . 6.78 8.07 32.58
S DMS N . 9.14 -21.43 -13.22
O DMS N . 8.00 -21.12 -11.87
C1 DMS N . 8.43 -22.64 -14.38
C2 DMS N . 9.14 -20.00 -14.31
S DMS O . 6.40 25.45 -15.75
O DMS O . 5.09 24.53 -14.94
C1 DMS O . 7.36 26.37 -14.50
C2 DMS O . 7.66 24.29 -16.33
S DMS P . -0.10 0.88 -3.85
O DMS P . 1.02 2.19 -3.36
C1 DMS P . -0.93 0.19 -2.39
C2 DMS P . -1.53 1.60 -4.72
S DMS Q . 18.36 21.66 13.84
O DMS Q . 16.74 22.44 13.92
C1 DMS Q . 18.58 20.98 12.17
C2 DMS Q . 19.66 22.92 13.87
C1 EDO R . -12.21 -8.63 -14.60
O1 EDO R . -11.94 -9.87 -13.95
C2 EDO R . -13.68 -8.59 -15.03
O2 EDO R . -14.52 -8.66 -13.88
S SO4 S . 1.16 23.33 8.23
O1 SO4 S . -0.17 23.81 8.39
O2 SO4 S . 1.95 24.33 7.58
O3 SO4 S . 1.13 22.14 7.44
O4 SO4 S . 1.73 23.02 9.52
S SO4 T . -9.23 4.51 -4.67
O1 SO4 T . -10.48 4.67 -5.36
O2 SO4 T . -8.35 5.59 -5.02
O3 SO4 T . -8.63 3.27 -5.05
O4 SO4 T . -9.46 4.53 -3.25
#